data_3ZN8
#
_entry.id   3ZN8
#
_cell.length_a   1.000
_cell.length_b   1.000
_cell.length_c   1.000
_cell.angle_alpha   90.00
_cell.angle_beta   90.00
_cell.angle_gamma   90.00
#
_symmetry.space_group_name_H-M   'P 1'
#
loop_
_entity.id
_entity.type
_entity.pdbx_description
1 polymer 'SIGNAL RECOGNITION PARTICLE PROTEIN'
2 polymer 'SIGNAL RECOGNITION PARTICLE RECEPTOR FTSY'
3 polymer '4.5 S RNA'
4 polymer 'SIGNAL RECOGNITION PARTICLE 54 KDA PROTEIN'
5 polymer 'DIPEPTIDYL AMINOPEPTIDASE B'
6 non-polymer 'MAGNESIUM ION'
7 water water
#
loop_
_entity_poly.entity_id
_entity_poly.type
_entity_poly.pdbx_seq_one_letter_code
_entity_poly.pdbx_strand_id
1 'polypeptide(L)'
;FQQLSARLQEAIGRLRGRGRITEEDLKATLREIRRALMDADVNLEVTRDFVERVREEALGKQVLESLTPAEVILATVYEA
LKEALGGEARLPVLKDRNLWFLVGLQGSGKTTTAAKLALYYKGKGRRPLLVAADTQRPAAREQLRLLGEKVGVPVLEVMD
GESPESIRRRVEEKARLEARDLILVDTAGRLQIDEPLMGELARLKEVLGPDEVLLVLDAMTGQEALSVARAFDEKVGVTG
LVLTKLDGDARGGAALSARHVTGKPIYFAGVSEKPEGLEPFYPERLAGRILGMG
;
A
2 'polypeptide(L)'
;RSLLKTKENLGSGFISLFRGKKIDDDLFEELEEQLLIADVGVETTRKIITNLTEGASRKQLRDAEALYGLLKEEMGEILA
KVDEPLNVEGKAPFVILMVGVNGVGKTTTIGKLARQFEQQGKSVMLAAGDTFRAAAVEQLQVWGQRNNIPVIAQHTGADS
ASVIFDAIQAAKARNIDVLIADTAGRLQNKSHLMEELKKIVRVMKKLDVEAPHEVMLTIDASTGQNAVSQAKLFHEAVGL
TGITLTKLDGTAKGGVIFSVADQFGIPIRYIGVGERIEDLRPFKADDFIEALFAR
;
D
3 'polyribonucleotide'
;UGGUGCAGCGCAGCGCGGACGCCCGAACCUGGUCAGAGCCGGAAGGCAGCAGCCAUAAGGGAUGCUUUGCGGGUGCCGUU
GCCUUCCG
;
G
4 'polypeptide(L)'
;LEEYDKIQKKMEDVMEGKGKLTLRDVYAQIIALRKMGPLSKVLQHIPGLGIMLPTPSEDQLKIGEEKIRRWLAALNSMTY
KELENPNIIDKSRMRRIAEGSGLEVEEVRELLEWYNNMNRLLKMV
;
M
5 'polypeptide(L)' GIILVLLIWGTVLL S
#
# COMPACT_ATOMS: atom_id res chain seq x y z
N PHE A 1 -5.01 -2.39 -12.27
CA PHE A 1 -4.44 -2.70 -10.92
C PHE A 1 -2.94 -2.92 -11.02
N GLN A 2 -2.17 -1.90 -10.62
CA GLN A 2 -0.71 -1.96 -10.66
C GLN A 2 -0.17 -3.07 -9.77
N GLN A 3 -0.37 -2.92 -8.46
CA GLN A 3 0.10 -3.90 -7.49
C GLN A 3 -0.42 -5.30 -7.77
N LEU A 4 -1.75 -5.42 -7.82
CA LEU A 4 -2.39 -6.71 -8.07
C LEU A 4 -1.78 -7.44 -9.26
N SER A 5 -1.69 -6.76 -10.40
CA SER A 5 -1.12 -7.34 -11.61
C SER A 5 0.36 -7.68 -11.42
N ALA A 6 1.12 -6.72 -10.92
CA ALA A 6 2.55 -6.90 -10.70
C ALA A 6 2.84 -8.13 -9.86
N ARG A 7 1.88 -8.50 -9.00
CA ARG A 7 2.03 -9.66 -8.13
C ARG A 7 1.68 -10.95 -8.86
N LEU A 8 0.62 -10.91 -9.66
CA LEU A 8 0.17 -12.08 -10.40
C LEU A 8 1.08 -12.38 -11.59
N GLN A 9 1.44 -11.35 -12.34
CA GLN A 9 2.30 -11.51 -13.50
C GLN A 9 3.60 -12.24 -13.15
N GLU A 10 4.25 -11.78 -12.08
CA GLU A 10 5.50 -12.39 -11.62
C GLU A 10 5.25 -13.75 -10.99
N ALA A 11 4.10 -13.89 -10.34
CA ALA A 11 3.73 -15.15 -9.70
C ALA A 11 3.77 -16.29 -10.69
N ILE A 12 3.44 -16.00 -11.94
CA ILE A 12 3.43 -17.00 -12.99
C ILE A 12 4.75 -16.98 -13.75
N GLY A 13 5.42 -15.82 -13.72
CA GLY A 13 6.69 -15.69 -14.40
C GLY A 13 7.75 -16.66 -13.90
N ARG A 14 7.65 -17.01 -12.62
CA ARG A 14 8.61 -17.94 -12.02
C ARG A 14 8.45 -19.33 -12.60
N LEU A 15 7.34 -19.56 -13.29
CA LEU A 15 7.07 -20.85 -13.90
C LEU A 15 7.17 -20.77 -15.43
N ARG A 16 7.72 -19.66 -15.91
CA ARG A 16 7.90 -19.45 -17.34
C ARG A 16 9.03 -20.31 -17.89
N GLY A 17 8.67 -21.44 -18.49
CA GLY A 17 9.66 -22.33 -19.04
C GLY A 17 10.45 -23.07 -17.97
N ARG A 18 9.78 -23.98 -17.27
CA ARG A 18 10.42 -24.75 -16.22
C ARG A 18 10.09 -26.23 -16.34
N GLY A 19 9.54 -26.61 -17.50
CA GLY A 19 9.19 -28.00 -17.73
C GLY A 19 8.08 -28.47 -16.81
N ARG A 20 8.04 -29.77 -16.56
CA ARG A 20 7.02 -30.36 -15.70
C ARG A 20 7.22 -29.93 -14.25
N ILE A 21 6.14 -29.41 -13.64
CA ILE A 21 6.20 -28.96 -12.26
C ILE A 21 5.68 -30.04 -11.31
N THR A 22 6.15 -29.99 -10.06
CA THR A 22 5.73 -30.97 -9.06
C THR A 22 4.51 -30.49 -8.29
N GLU A 23 3.91 -31.39 -7.52
CA GLU A 23 2.73 -31.06 -6.73
C GLU A 23 3.05 -29.96 -5.71
N GLU A 24 4.25 -30.02 -5.15
CA GLU A 24 4.67 -29.03 -4.16
C GLU A 24 4.85 -27.66 -4.79
N ASP A 25 5.31 -27.65 -6.04
CA ASP A 25 5.53 -26.41 -6.77
C ASP A 25 4.20 -25.72 -7.08
N LEU A 26 3.19 -26.52 -7.40
CA LEU A 26 1.87 -26.00 -7.72
C LEU A 26 1.29 -25.24 -6.53
N LYS A 27 1.56 -25.75 -5.33
CA LYS A 27 1.07 -25.11 -4.11
C LYS A 27 1.71 -23.74 -3.90
N ALA A 28 2.95 -23.61 -4.36
CA ALA A 28 3.68 -22.35 -4.23
C ALA A 28 2.89 -21.20 -4.87
N THR A 29 2.66 -21.30 -6.17
CA THR A 29 1.92 -20.28 -6.90
C THR A 29 0.59 -19.96 -6.22
N LEU A 30 -0.06 -21.00 -5.69
CA LEU A 30 -1.34 -20.83 -5.01
C LEU A 30 -1.23 -19.81 -3.89
N ARG A 31 -0.27 -20.01 -3.00
CA ARG A 31 -0.07 -19.09 -1.88
C ARG A 31 0.47 -17.75 -2.35
N GLU A 32 1.27 -17.76 -3.41
CA GLU A 32 1.83 -16.54 -3.96
C GLU A 32 0.71 -15.61 -4.42
N ILE A 33 -0.39 -16.21 -4.85
CA ILE A 33 -1.53 -15.43 -5.32
C ILE A 33 -2.38 -14.97 -4.13
N ARG A 34 -2.38 -15.78 -3.07
CA ARG A 34 -3.15 -15.45 -1.88
C ARG A 34 -2.68 -14.11 -1.29
N ARG A 35 -1.38 -13.97 -1.09
CA ARG A 35 -0.82 -12.74 -0.55
C ARG A 35 -1.09 -11.58 -1.49
N ALA A 36 -1.08 -11.87 -2.79
CA ALA A 36 -1.34 -10.85 -3.81
C ALA A 36 -2.73 -10.26 -3.60
N LEU A 37 -3.61 -11.04 -3.00
CA LEU A 37 -4.98 -10.60 -2.74
C LEU A 37 -5.07 -9.94 -1.37
N MET A 38 -4.33 -10.49 -0.41
CA MET A 38 -4.33 -9.95 0.95
C MET A 38 -3.87 -8.49 0.95
N ASP A 39 -2.73 -8.23 0.31
CA ASP A 39 -2.18 -6.89 0.22
C ASP A 39 -3.11 -6.00 -0.61
N ALA A 40 -3.90 -6.62 -1.47
CA ALA A 40 -4.83 -5.89 -2.33
C ALA A 40 -6.11 -5.60 -1.57
N ASP A 41 -6.10 -5.84 -0.27
CA ASP A 41 -7.26 -5.62 0.58
C ASP A 41 -8.48 -6.37 0.06
N VAL A 42 -8.34 -7.68 -0.10
CA VAL A 42 -9.42 -8.51 -0.60
C VAL A 42 -10.02 -9.34 0.54
N ASN A 43 -11.32 -9.58 0.47
CA ASN A 43 -12.01 -10.36 1.49
C ASN A 43 -11.33 -11.71 1.71
N LEU A 44 -11.15 -12.08 2.97
CA LEU A 44 -10.50 -13.33 3.32
C LEU A 44 -11.20 -14.53 2.69
N GLU A 45 -12.51 -14.60 2.88
CA GLU A 45 -13.31 -15.71 2.33
C GLU A 45 -13.13 -15.81 0.82
N VAL A 46 -13.17 -14.68 0.14
CA VAL A 46 -13.01 -14.65 -1.31
C VAL A 46 -11.61 -15.09 -1.71
N THR A 47 -10.62 -14.74 -0.88
CA THR A 47 -9.24 -15.10 -1.14
C THR A 47 -9.07 -16.62 -1.19
N ARG A 48 -9.74 -17.31 -0.27
CA ARG A 48 -9.65 -18.76 -0.21
C ARG A 48 -10.27 -19.40 -1.45
N ASP A 49 -11.53 -19.06 -1.72
CA ASP A 49 -12.24 -19.59 -2.88
C ASP A 49 -11.45 -19.34 -4.17
N PHE A 50 -10.72 -18.23 -4.20
CA PHE A 50 -9.92 -17.88 -5.37
C PHE A 50 -8.78 -18.88 -5.54
N VAL A 51 -8.04 -19.12 -4.47
CA VAL A 51 -6.92 -20.05 -4.50
C VAL A 51 -7.41 -21.48 -4.73
N GLU A 52 -8.46 -21.86 -4.01
CA GLU A 52 -9.03 -23.20 -4.14
C GLU A 52 -9.53 -23.45 -5.55
N ARG A 53 -10.06 -22.40 -6.18
CA ARG A 53 -10.58 -22.51 -7.54
C ARG A 53 -9.46 -22.90 -8.50
N VAL A 54 -8.33 -22.24 -8.37
CA VAL A 54 -7.17 -22.51 -9.22
C VAL A 54 -6.64 -23.92 -8.97
N ARG A 55 -6.77 -24.38 -7.72
CA ARG A 55 -6.30 -25.70 -7.35
C ARG A 55 -7.00 -26.79 -8.15
N GLU A 56 -8.34 -26.77 -8.14
CA GLU A 56 -9.14 -27.76 -8.86
C GLU A 56 -8.93 -27.66 -10.36
N GLU A 57 -9.00 -26.43 -10.89
CA GLU A 57 -8.82 -26.21 -12.33
C GLU A 57 -7.45 -26.68 -12.80
N ALA A 58 -6.41 -26.37 -12.03
CA ALA A 58 -5.05 -26.77 -12.39
C ALA A 58 -4.93 -28.29 -12.47
N LEU A 59 -5.36 -28.97 -11.41
CA LEU A 59 -5.31 -30.43 -11.36
C LEU A 59 -6.23 -31.04 -12.41
N GLY A 60 -7.26 -30.28 -12.81
CA GLY A 60 -8.19 -30.77 -13.79
C GLY A 60 -7.65 -30.68 -15.21
N LYS A 61 -6.73 -29.74 -15.43
CA LYS A 61 -6.13 -29.56 -16.74
C LYS A 61 -4.79 -30.27 -16.84
N GLN A 62 -4.50 -31.11 -15.84
CA GLN A 62 -3.25 -31.86 -15.80
C GLN A 62 -2.04 -30.93 -15.91
N VAL A 63 -1.98 -29.97 -14.99
CA VAL A 63 -0.87 -29.00 -14.97
C VAL A 63 0.41 -29.67 -14.50
N LEU A 64 0.28 -30.73 -13.71
CA LEU A 64 1.42 -31.46 -13.19
C LEU A 64 2.02 -32.38 -14.25
N GLU A 65 1.46 -32.33 -15.45
CA GLU A 65 1.93 -33.16 -16.55
C GLU A 65 2.13 -32.34 -17.82
N SER A 66 1.73 -31.07 -17.76
CA SER A 66 1.85 -30.17 -18.90
C SER A 66 3.28 -29.63 -19.00
N LEU A 67 3.83 -29.66 -20.21
CA LEU A 67 5.18 -29.16 -20.46
C LEU A 67 5.27 -27.67 -20.14
N THR A 68 4.20 -26.94 -20.42
CA THR A 68 4.15 -25.50 -20.17
C THR A 68 3.07 -25.17 -19.14
N PRO A 69 3.41 -25.24 -17.85
CA PRO A 69 2.48 -24.94 -16.76
C PRO A 69 2.11 -23.46 -16.69
N ALA A 70 3.01 -22.61 -17.19
CA ALA A 70 2.79 -21.17 -17.19
C ALA A 70 1.58 -20.80 -18.04
N GLU A 71 1.24 -21.68 -18.99
CA GLU A 71 0.11 -21.45 -19.88
C GLU A 71 -1.19 -21.87 -19.22
N VAL A 72 -1.15 -23.00 -18.52
CA VAL A 72 -2.33 -23.52 -17.84
C VAL A 72 -2.74 -22.61 -16.68
N ILE A 73 -1.78 -22.26 -15.84
CA ILE A 73 -2.03 -21.40 -14.69
C ILE A 73 -2.56 -20.04 -15.16
N LEU A 74 -2.00 -19.52 -16.24
CA LEU A 74 -2.40 -18.23 -16.77
C LEU A 74 -3.87 -18.26 -17.20
N ALA A 75 -4.27 -19.35 -17.84
CA ALA A 75 -5.64 -19.50 -18.31
C ALA A 75 -6.57 -19.78 -17.13
N THR A 76 -6.04 -20.39 -16.08
CA THR A 76 -6.83 -20.70 -14.90
C THR A 76 -7.18 -19.43 -14.13
N VAL A 77 -6.16 -18.63 -13.83
CA VAL A 77 -6.36 -17.38 -13.09
C VAL A 77 -7.27 -16.45 -13.88
N TYR A 78 -7.16 -16.49 -15.20
CA TYR A 78 -7.99 -15.65 -16.07
C TYR A 78 -9.46 -15.95 -15.86
N GLU A 79 -9.79 -17.22 -15.66
CA GLU A 79 -11.17 -17.64 -15.46
C GLU A 79 -11.66 -17.22 -14.07
N ALA A 80 -10.74 -17.20 -13.11
CA ALA A 80 -11.07 -16.81 -11.75
C ALA A 80 -11.32 -15.31 -11.64
N LEU A 81 -10.45 -14.53 -12.27
CA LEU A 81 -10.57 -13.08 -12.25
C LEU A 81 -11.85 -12.63 -12.95
N LYS A 82 -12.16 -13.27 -14.07
CA LYS A 82 -13.36 -12.94 -14.83
C LYS A 82 -14.63 -13.19 -14.01
N GLU A 83 -14.68 -14.34 -13.36
CA GLU A 83 -15.82 -14.71 -12.54
C GLU A 83 -15.88 -13.89 -11.25
N ALA A 84 -14.71 -13.47 -10.77
CA ALA A 84 -14.62 -12.68 -9.55
C ALA A 84 -15.18 -11.27 -9.76
N LEU A 85 -15.21 -10.84 -11.02
CA LEU A 85 -15.72 -9.51 -11.36
C LEU A 85 -17.20 -9.57 -11.71
N GLY A 86 -17.68 -10.74 -12.08
CA GLY A 86 -19.08 -10.90 -12.43
C GLY A 86 -19.31 -11.95 -13.50
N GLY A 87 -18.22 -12.38 -14.14
CA GLY A 87 -18.32 -13.39 -15.18
C GLY A 87 -18.64 -12.80 -16.53
N GLU A 88 -19.87 -12.32 -16.70
CA GLU A 88 -20.29 -11.73 -17.97
C GLU A 88 -20.81 -10.30 -17.74
N ALA A 89 -20.62 -9.45 -18.74
CA ALA A 89 -21.06 -8.06 -18.66
C ALA A 89 -22.58 -7.99 -18.44
N ARG A 90 -22.99 -7.15 -17.51
CA ARG A 90 -24.40 -6.98 -17.19
C ARG A 90 -24.78 -5.50 -17.16
N LEU A 91 -25.94 -5.18 -17.75
CA LEU A 91 -26.43 -3.81 -17.79
C LEU A 91 -27.89 -3.73 -17.37
N PRO A 92 -28.28 -2.65 -16.70
CA PRO A 92 -29.67 -2.44 -16.24
C PRO A 92 -30.69 -2.64 -17.35
N VAL A 93 -31.85 -3.18 -17.00
CA VAL A 93 -32.91 -3.42 -17.96
C VAL A 93 -33.65 -2.14 -18.30
N LEU A 94 -34.05 -2.00 -19.56
CA LEU A 94 -34.77 -0.81 -20.01
C LEU A 94 -36.13 -1.18 -20.58
N LYS A 95 -37.12 -0.34 -20.30
CA LYS A 95 -38.48 -0.58 -20.79
C LYS A 95 -39.21 0.74 -21.06
N ASP A 96 -40.51 0.75 -20.83
CA ASP A 96 -41.32 1.95 -21.05
C ASP A 96 -40.76 3.14 -20.29
N ARG A 97 -41.03 3.18 -18.99
CA ARG A 97 -40.55 4.26 -18.13
C ARG A 97 -39.57 3.73 -17.09
N ASN A 98 -38.43 4.40 -16.95
CA ASN A 98 -37.41 4.00 -15.99
C ASN A 98 -37.14 5.09 -14.98
N LEU A 99 -36.66 4.69 -13.81
CA LEU A 99 -36.35 5.63 -12.73
C LEU A 99 -35.52 4.92 -11.66
N TRP A 100 -34.31 5.41 -11.44
CA TRP A 100 -33.41 4.80 -10.46
C TRP A 100 -32.86 5.85 -9.49
N PHE A 101 -32.24 5.38 -8.41
CA PHE A 101 -31.66 6.26 -7.41
C PHE A 101 -30.14 6.12 -7.37
N LEU A 102 -29.46 7.24 -7.20
CA LEU A 102 -28.00 7.25 -7.15
C LEU A 102 -27.52 7.46 -5.72
N VAL A 103 -27.70 6.45 -4.88
CA VAL A 103 -27.28 6.51 -3.50
C VAL A 103 -25.78 6.30 -3.35
N GLY A 104 -25.22 6.77 -2.26
CA GLY A 104 -23.79 6.62 -2.02
C GLY A 104 -23.24 7.67 -1.09
N LEU A 105 -22.04 7.44 -0.58
CA LEU A 105 -21.39 8.37 0.34
C LEU A 105 -20.80 9.56 -0.42
N GLN A 106 -20.60 10.67 0.30
CA GLN A 106 -20.04 11.87 -0.30
C GLN A 106 -18.54 11.73 -0.49
N GLY A 107 -18.08 11.95 -1.72
CA GLY A 107 -16.65 11.84 -2.00
C GLY A 107 -16.32 10.65 -2.88
N SER A 108 -17.35 10.03 -3.44
CA SER A 108 -17.16 8.87 -4.30
C SER A 108 -17.69 9.15 -5.70
N GLY A 109 -17.82 10.43 -6.04
CA GLY A 109 -18.30 10.80 -7.35
C GLY A 109 -19.74 10.38 -7.57
N LYS A 110 -20.53 10.40 -6.51
CA LYS A 110 -21.94 10.01 -6.59
C LYS A 110 -22.73 10.96 -7.51
N THR A 111 -22.41 12.24 -7.43
CA THR A 111 -23.08 13.24 -8.24
C THR A 111 -22.53 13.26 -9.66
N THR A 112 -21.22 13.09 -9.78
CA THR A 112 -20.57 13.08 -11.09
C THR A 112 -21.04 11.91 -11.94
N THR A 113 -21.16 10.75 -11.31
CA THR A 113 -21.58 9.54 -12.00
C THR A 113 -23.01 9.69 -12.52
N ALA A 114 -23.88 10.26 -11.70
CA ALA A 114 -25.27 10.47 -12.08
C ALA A 114 -25.38 11.32 -13.34
N ALA A 115 -24.45 12.24 -13.52
CA ALA A 115 -24.43 13.12 -14.68
C ALA A 115 -23.92 12.39 -15.91
N LYS A 116 -23.01 11.45 -15.69
CA LYS A 116 -22.44 10.67 -16.79
C LYS A 116 -23.42 9.62 -17.29
N LEU A 117 -24.15 9.00 -16.36
CA LEU A 117 -25.13 7.97 -16.71
C LEU A 117 -26.24 8.55 -17.57
N ALA A 118 -26.53 9.84 -17.40
CA ALA A 118 -27.57 10.50 -18.17
C ALA A 118 -27.11 10.78 -19.59
N LEU A 119 -25.82 11.09 -19.74
CA LEU A 119 -25.25 11.37 -21.04
C LEU A 119 -25.04 10.09 -21.84
N TYR A 120 -24.92 8.97 -21.13
CA TYR A 120 -24.71 7.67 -21.75
C TYR A 120 -25.94 7.24 -22.54
N TYR A 121 -27.04 7.00 -21.83
CA TYR A 121 -28.29 6.58 -22.47
C TYR A 121 -28.78 7.63 -23.45
N LYS A 122 -28.39 8.88 -23.24
CA LYS A 122 -28.79 9.98 -24.11
C LYS A 122 -28.36 9.71 -25.55
N GLY A 123 -27.17 9.15 -25.72
CA GLY A 123 -26.66 8.86 -27.04
C GLY A 123 -27.18 7.55 -27.59
N LYS A 124 -27.82 6.77 -26.73
CA LYS A 124 -28.37 5.48 -27.12
C LYS A 124 -29.81 5.62 -27.62
N GLY A 125 -30.37 6.82 -27.46
CA GLY A 125 -31.73 7.07 -27.89
C GLY A 125 -32.71 7.16 -26.73
N ARG A 126 -32.18 7.37 -25.52
CA ARG A 126 -33.00 7.46 -24.34
C ARG A 126 -33.26 8.92 -23.96
N ARG A 127 -34.05 9.13 -22.91
CA ARG A 127 -34.36 10.47 -22.44
C ARG A 127 -34.32 10.54 -20.92
N PRO A 128 -33.10 10.67 -20.35
CA PRO A 128 -32.91 10.75 -18.90
C PRO A 128 -33.46 12.03 -18.28
N LEU A 129 -33.36 12.13 -16.96
CA LEU A 129 -33.83 13.31 -16.24
C LEU A 129 -33.23 13.37 -14.84
N LEU A 130 -32.16 14.15 -14.70
CA LEU A 130 -31.49 14.31 -13.42
C LEU A 130 -32.40 14.98 -12.40
N VAL A 131 -32.63 14.31 -11.28
CA VAL A 131 -33.48 14.85 -10.21
C VAL A 131 -32.83 14.68 -8.85
N ALA A 132 -32.40 15.79 -8.27
CA ALA A 132 -31.75 15.78 -6.96
C ALA A 132 -32.77 15.52 -5.87
N ALA A 133 -32.43 14.64 -4.93
CA ALA A 133 -33.32 14.31 -3.83
C ALA A 133 -32.87 14.99 -2.54
N ASP A 134 -31.68 15.57 -2.56
CA ASP A 134 -31.14 16.26 -1.40
C ASP A 134 -31.98 17.48 -1.06
N THR A 135 -32.42 17.57 0.19
CA THR A 135 -33.23 18.69 0.64
C THR A 135 -32.63 19.36 1.87
N GLN A 136 -31.39 18.98 2.19
CA GLN A 136 -30.69 19.54 3.34
C GLN A 136 -29.66 20.57 2.90
N ARG A 137 -28.76 20.16 2.01
CA ARG A 137 -27.71 21.04 1.51
C ARG A 137 -28.03 21.54 0.11
N PRO A 138 -28.48 22.80 -0.02
CA PRO A 138 -28.82 23.40 -1.31
C PRO A 138 -27.69 23.30 -2.32
N ALA A 139 -26.45 23.28 -1.82
CA ALA A 139 -25.27 23.20 -2.68
C ALA A 139 -25.25 21.88 -3.44
N ALA A 140 -25.89 20.86 -2.88
CA ALA A 140 -25.94 19.54 -3.50
C ALA A 140 -26.68 19.59 -4.83
N ARG A 141 -27.82 20.28 -4.84
CA ARG A 141 -28.62 20.40 -6.05
C ARG A 141 -28.00 21.39 -7.02
N GLU A 142 -27.16 22.28 -6.49
CA GLU A 142 -26.49 23.29 -7.31
C GLU A 142 -25.41 22.66 -8.17
N GLN A 143 -24.76 21.63 -7.65
CA GLN A 143 -23.70 20.95 -8.36
C GLN A 143 -24.26 20.05 -9.45
N LEU A 144 -25.49 19.59 -9.27
CA LEU A 144 -26.14 18.71 -10.24
C LEU A 144 -26.64 19.50 -11.45
N ARG A 145 -27.01 20.76 -11.22
CA ARG A 145 -27.51 21.61 -12.29
C ARG A 145 -26.40 21.93 -13.29
N LEU A 146 -25.22 22.26 -12.78
CA LEU A 146 -24.08 22.59 -13.62
C LEU A 146 -23.69 21.40 -14.51
N LEU A 147 -23.65 20.22 -13.91
CA LEU A 147 -23.29 19.00 -14.64
C LEU A 147 -24.32 18.70 -15.73
N GLY A 148 -25.59 18.92 -15.41
CA GLY A 148 -26.65 18.66 -16.36
C GLY A 148 -26.77 19.76 -17.41
N GLU A 149 -26.16 20.90 -17.13
CA GLU A 149 -26.19 22.03 -18.05
C GLU A 149 -25.12 21.90 -19.13
N LYS A 150 -24.09 21.12 -18.84
CA LYS A 150 -23.00 20.89 -19.78
C LYS A 150 -23.26 19.67 -20.65
N VAL A 151 -23.82 18.63 -20.05
CA VAL A 151 -24.12 17.39 -20.76
C VAL A 151 -25.36 17.56 -21.64
N GLY A 152 -26.20 18.51 -21.30
CA GLY A 152 -27.41 18.75 -22.06
C GLY A 152 -28.59 17.95 -21.55
N VAL A 153 -28.69 17.84 -20.22
CA VAL A 153 -29.78 17.10 -19.60
C VAL A 153 -30.49 17.98 -18.56
N PRO A 154 -31.83 18.04 -18.62
CA PRO A 154 -32.62 18.84 -17.69
C PRO A 154 -32.56 18.31 -16.26
N VAL A 155 -32.30 19.21 -15.31
CA VAL A 155 -32.21 18.83 -13.90
C VAL A 155 -33.37 19.41 -13.10
N LEU A 156 -33.97 18.59 -12.24
CA LEU A 156 -35.10 19.01 -11.42
C LEU A 156 -34.64 19.16 -9.97
N GLU A 157 -34.55 20.40 -9.51
CA GLU A 157 -34.13 20.68 -8.14
C GLU A 157 -35.33 20.74 -7.20
N VAL A 158 -35.23 20.02 -6.09
CA VAL A 158 -36.30 19.99 -5.10
C VAL A 158 -36.12 21.08 -4.06
N MET A 159 -37.19 21.39 -3.32
CA MET A 159 -37.16 22.41 -2.30
C MET A 159 -36.62 21.85 -0.98
N ASP A 160 -36.27 22.74 -0.07
CA ASP A 160 -35.74 22.34 1.23
C ASP A 160 -36.85 21.86 2.16
N GLY A 161 -36.68 20.67 2.71
CA GLY A 161 -37.68 20.11 3.60
C GLY A 161 -38.94 19.71 2.87
N GLU A 162 -38.80 19.36 1.60
CA GLU A 162 -39.94 18.95 0.78
C GLU A 162 -40.27 17.48 1.01
N SER A 163 -41.54 17.19 1.25
CA SER A 163 -41.98 15.82 1.48
C SER A 163 -41.91 14.99 0.20
N PRO A 164 -41.59 13.70 0.32
CA PRO A 164 -41.48 12.79 -0.83
C PRO A 164 -42.71 12.85 -1.73
N GLU A 165 -43.87 13.06 -1.14
CA GLU A 165 -45.12 13.14 -1.90
C GLU A 165 -45.10 14.32 -2.86
N SER A 166 -44.65 15.47 -2.36
CA SER A 166 -44.59 16.68 -3.17
C SER A 166 -43.59 16.51 -4.31
N ILE A 167 -42.57 15.71 -4.07
CA ILE A 167 -41.54 15.46 -5.08
C ILE A 167 -42.10 14.66 -6.24
N ARG A 168 -42.71 13.52 -5.93
CA ARG A 168 -43.30 12.65 -6.95
C ARG A 168 -44.37 13.39 -7.74
N ARG A 169 -44.91 14.46 -7.16
CA ARG A 169 -45.94 15.26 -7.82
C ARG A 169 -45.37 16.06 -8.97
N ARG A 170 -44.14 16.55 -8.82
CA ARG A 170 -43.49 17.33 -9.86
C ARG A 170 -42.66 16.47 -10.79
N VAL A 171 -41.97 15.49 -10.22
CA VAL A 171 -41.12 14.58 -11.01
C VAL A 171 -41.95 13.86 -12.07
N GLU A 172 -43.22 13.60 -11.75
CA GLU A 172 -44.12 12.92 -12.69
C GLU A 172 -44.70 13.91 -13.70
N GLU A 173 -44.78 15.18 -13.29
CA GLU A 173 -45.31 16.22 -14.16
C GLU A 173 -44.27 16.69 -15.17
N LYS A 174 -43.06 16.96 -14.68
CA LYS A 174 -41.97 17.41 -15.53
C LYS A 174 -41.56 16.31 -16.51
N ALA A 175 -41.90 15.07 -16.17
CA ALA A 175 -41.57 13.94 -17.01
C ALA A 175 -42.64 13.71 -18.08
N ARG A 176 -43.72 14.49 -18.00
CA ARG A 176 -44.81 14.37 -18.95
C ARG A 176 -44.77 15.51 -19.97
N LEU A 177 -44.43 16.71 -19.50
CA LEU A 177 -44.35 17.87 -20.37
C LEU A 177 -43.17 17.76 -21.33
N GLU A 178 -42.10 17.12 -20.87
CA GLU A 178 -40.90 16.95 -21.68
C GLU A 178 -40.76 15.50 -22.14
N ALA A 179 -41.68 14.65 -21.68
CA ALA A 179 -41.67 13.24 -22.03
C ALA A 179 -40.33 12.60 -21.68
N ARG A 180 -40.19 12.21 -20.42
CA ARG A 180 -38.95 11.58 -19.95
C ARG A 180 -39.16 10.09 -19.72
N ASP A 181 -38.36 9.27 -20.40
CA ASP A 181 -38.45 7.83 -20.27
C ASP A 181 -37.43 7.31 -19.26
N LEU A 182 -36.72 8.24 -18.62
CA LEU A 182 -35.72 7.89 -17.62
C LEU A 182 -35.55 9.01 -16.60
N ILE A 183 -35.56 8.65 -15.33
CA ILE A 183 -35.41 9.63 -14.26
C ILE A 183 -34.33 9.20 -13.27
N LEU A 184 -33.20 9.89 -13.29
CA LEU A 184 -32.08 9.58 -12.40
C LEU A 184 -32.16 10.41 -11.13
N VAL A 185 -32.73 9.84 -10.07
CA VAL A 185 -32.86 10.53 -8.80
C VAL A 185 -31.59 10.41 -7.98
N ASP A 186 -30.88 11.53 -7.82
CA ASP A 186 -29.63 11.56 -7.05
C ASP A 186 -29.92 11.89 -5.59
N THR A 187 -29.93 10.87 -4.75
CA THR A 187 -30.18 11.05 -3.33
C THR A 187 -29.07 11.86 -2.67
N ALA A 188 -29.30 12.28 -1.43
CA ALA A 188 -28.32 13.06 -0.69
C ALA A 188 -27.12 12.20 -0.31
N GLY A 189 -25.98 12.84 -0.12
CA GLY A 189 -24.77 12.11 0.24
C GLY A 189 -24.08 12.70 1.46
N ARG A 190 -23.57 11.83 2.33
CA ARG A 190 -22.87 12.26 3.53
C ARG A 190 -21.56 11.51 3.70
N LEU A 191 -20.73 11.99 4.62
CA LEU A 191 -19.43 11.36 4.88
C LEU A 191 -19.62 9.96 5.45
N GLN A 192 -20.33 9.86 6.56
CA GLN A 192 -20.58 8.59 7.21
C GLN A 192 -22.02 8.15 7.01
N ILE A 193 -22.37 6.98 7.57
CA ILE A 193 -23.72 6.45 7.44
C ILE A 193 -24.49 6.59 8.75
N ASP A 194 -25.52 7.43 8.75
CA ASP A 194 -26.34 7.66 9.93
C ASP A 194 -27.75 7.13 9.73
N GLU A 195 -28.40 6.79 10.84
CA GLU A 195 -29.76 6.26 10.79
C GLU A 195 -30.75 7.25 10.15
N PRO A 196 -30.71 8.52 10.58
CA PRO A 196 -31.62 9.53 10.02
C PRO A 196 -31.59 9.57 8.49
N LEU A 197 -30.40 9.43 7.93
CA LEU A 197 -30.24 9.46 6.48
C LEU A 197 -30.80 8.19 5.84
N MET A 198 -30.50 7.05 6.46
CA MET A 198 -30.98 5.76 5.96
C MET A 198 -32.50 5.68 6.02
N GLY A 199 -33.10 6.50 6.90
CA GLY A 199 -34.54 6.50 7.04
C GLY A 199 -35.24 7.27 5.92
N GLU A 200 -34.67 8.41 5.55
CA GLU A 200 -35.24 9.25 4.51
C GLU A 200 -35.10 8.58 3.14
N LEU A 201 -34.04 7.81 2.97
CA LEU A 201 -33.79 7.12 1.70
C LEU A 201 -34.80 6.00 1.50
N ALA A 202 -35.22 5.38 2.60
CA ALA A 202 -36.18 4.28 2.53
C ALA A 202 -37.58 4.81 2.19
N ARG A 203 -37.98 5.88 2.86
CA ARG A 203 -39.30 6.47 2.63
C ARG A 203 -39.41 7.01 1.20
N LEU A 204 -38.33 7.63 0.73
CA LEU A 204 -38.31 8.20 -0.61
C LEU A 204 -38.42 7.09 -1.67
N LYS A 205 -38.06 5.87 -1.28
CA LYS A 205 -38.12 4.73 -2.19
C LYS A 205 -39.51 4.12 -2.21
N GLU A 206 -40.21 4.21 -1.08
CA GLU A 206 -41.56 3.67 -0.96
C GLU A 206 -42.57 4.54 -1.70
N VAL A 207 -42.17 5.76 -2.04
CA VAL A 207 -43.05 6.68 -2.75
C VAL A 207 -42.92 6.52 -4.26
N LEU A 208 -41.76 6.90 -4.79
CA LEU A 208 -41.49 6.81 -6.22
C LEU A 208 -41.52 5.36 -6.69
N GLY A 209 -40.96 4.46 -5.87
CA GLY A 209 -40.93 3.05 -6.22
C GLY A 209 -40.14 2.79 -7.50
N PRO A 210 -38.80 2.85 -7.43
CA PRO A 210 -37.93 2.62 -8.59
C PRO A 210 -37.90 1.15 -9.02
N ASP A 211 -36.99 0.83 -9.93
CA ASP A 211 -36.83 -0.53 -10.43
C ASP A 211 -35.50 -1.10 -9.99
N GLU A 212 -34.45 -0.29 -10.14
CA GLU A 212 -33.10 -0.71 -9.76
C GLU A 212 -32.43 0.38 -8.93
N VAL A 213 -31.60 -0.04 -7.97
CA VAL A 213 -30.91 0.91 -7.11
C VAL A 213 -29.39 0.78 -7.27
N LEU A 214 -28.80 1.76 -7.96
CA LEU A 214 -27.36 1.76 -8.19
C LEU A 214 -26.64 2.46 -7.04
N LEU A 215 -25.54 1.85 -6.60
CA LEU A 215 -24.75 2.40 -5.50
C LEU A 215 -23.32 2.70 -5.95
N VAL A 216 -23.00 3.99 -6.06
CA VAL A 216 -21.67 4.41 -6.48
C VAL A 216 -20.70 4.35 -5.31
N LEU A 217 -19.89 3.30 -5.29
CA LEU A 217 -18.90 3.12 -4.22
C LEU A 217 -17.50 3.46 -4.70
N ASP A 218 -16.61 3.79 -3.76
CA ASP A 218 -15.24 4.13 -4.10
C ASP A 218 -14.36 2.88 -4.09
N ALA A 219 -13.62 2.69 -5.17
CA ALA A 219 -12.74 1.53 -5.29
C ALA A 219 -11.41 1.77 -4.57
N MET A 220 -11.17 3.01 -4.17
CA MET A 220 -9.94 3.37 -3.47
C MET A 220 -10.04 3.04 -1.98
N THR A 221 -11.07 2.28 -1.61
CA THR A 221 -11.28 1.89 -0.22
C THR A 221 -11.15 0.38 -0.06
N GLY A 222 -11.56 -0.37 -1.07
CA GLY A 222 -11.48 -1.81 -1.02
C GLY A 222 -12.65 -2.44 -0.29
N GLN A 223 -12.35 -3.27 0.70
CA GLN A 223 -13.38 -3.93 1.49
C GLN A 223 -14.27 -2.92 2.19
N GLU A 224 -13.74 -1.72 2.41
CA GLU A 224 -14.49 -0.67 3.08
C GLU A 224 -15.77 -0.35 2.32
N ALA A 225 -15.66 -0.29 0.99
CA ALA A 225 -16.81 0.00 0.15
C ALA A 225 -17.86 -1.12 0.27
N LEU A 226 -17.38 -2.35 0.44
CA LEU A 226 -18.27 -3.50 0.57
C LEU A 226 -19.11 -3.38 1.83
N SER A 227 -18.48 -2.95 2.92
CA SER A 227 -19.17 -2.80 4.20
C SER A 227 -20.22 -1.71 4.11
N VAL A 228 -19.94 -0.69 3.31
CA VAL A 228 -20.86 0.43 3.13
C VAL A 228 -22.09 -0.03 2.37
N ALA A 229 -21.90 -0.93 1.40
CA ALA A 229 -23.00 -1.45 0.60
C ALA A 229 -23.81 -2.47 1.39
N ARG A 230 -23.25 -2.89 2.53
CA ARG A 230 -23.92 -3.87 3.38
C ARG A 230 -25.02 -3.20 4.20
N ALA A 231 -24.98 -1.86 4.25
CA ALA A 231 -25.97 -1.10 4.99
C ALA A 231 -27.13 -0.67 4.11
N PHE A 232 -26.81 -0.03 2.98
CA PHE A 232 -27.84 0.43 2.05
C PHE A 232 -28.72 -0.72 1.56
N ASP A 233 -28.10 -1.87 1.32
CA ASP A 233 -28.84 -3.04 0.85
C ASP A 233 -29.69 -3.64 1.96
N GLU A 234 -29.48 -3.17 3.18
CA GLU A 234 -30.23 -3.67 4.33
C GLU A 234 -31.33 -2.68 4.74
N LYS A 235 -31.00 -1.40 4.72
CA LYS A 235 -31.95 -0.36 5.09
C LYS A 235 -32.82 0.03 3.90
N VAL A 236 -32.19 0.19 2.74
CA VAL A 236 -32.91 0.57 1.53
C VAL A 236 -33.14 -0.64 0.64
N GLY A 237 -32.12 -1.04 -0.11
CA GLY A 237 -32.24 -2.19 -0.98
C GLY A 237 -31.67 -1.93 -2.36
N VAL A 238 -30.36 -2.05 -2.49
CA VAL A 238 -29.69 -1.83 -3.77
C VAL A 238 -29.80 -3.06 -4.68
N THR A 239 -29.51 -2.87 -5.96
CA THR A 239 -29.57 -3.96 -6.92
C THR A 239 -28.31 -4.02 -7.77
N GLY A 240 -27.50 -2.96 -7.67
CA GLY A 240 -26.26 -2.91 -8.43
C GLY A 240 -25.20 -2.07 -7.76
N LEU A 241 -23.99 -2.10 -8.30
CA LEU A 241 -22.88 -1.34 -7.75
C LEU A 241 -22.09 -0.64 -8.86
N VAL A 242 -21.67 0.59 -8.58
CA VAL A 242 -20.90 1.37 -9.55
C VAL A 242 -19.58 1.86 -8.93
N LEU A 243 -18.53 1.08 -9.14
CA LEU A 243 -17.22 1.43 -8.60
C LEU A 243 -16.53 2.47 -9.47
N THR A 244 -16.11 3.57 -8.84
CA THR A 244 -15.45 4.66 -9.56
C THR A 244 -14.00 4.78 -9.11
N LYS A 245 -13.25 5.64 -9.80
CA LYS A 245 -11.84 5.87 -9.49
C LYS A 245 -11.06 4.55 -9.50
N LEU A 246 -11.32 3.73 -10.51
CA LEU A 246 -10.65 2.44 -10.64
C LEU A 246 -9.17 2.63 -11.01
N ASP A 247 -8.88 3.75 -11.66
CA ASP A 247 -7.51 4.06 -12.06
C ASP A 247 -6.63 4.31 -10.85
N GLY A 248 -7.14 5.07 -9.89
CA GLY A 248 -6.38 5.35 -8.69
C GLY A 248 -6.17 4.13 -7.83
N ASP A 249 -7.10 3.18 -7.89
CA ASP A 249 -7.01 1.96 -7.11
C ASP A 249 -6.03 0.98 -7.75
N ALA A 250 -5.03 0.56 -6.97
CA ALA A 250 -4.02 -0.36 -7.45
C ALA A 250 -4.23 -1.76 -6.86
N ARG A 251 -5.21 -1.87 -5.97
CA ARG A 251 -5.53 -3.14 -5.33
C ARG A 251 -6.65 -3.86 -6.06
N GLY A 252 -7.89 -3.55 -5.67
CA GLY A 252 -9.04 -4.17 -6.30
C GLY A 252 -9.71 -5.20 -5.40
N GLY A 253 -9.76 -4.91 -4.11
CA GLY A 253 -10.38 -5.82 -3.17
C GLY A 253 -11.89 -5.66 -3.11
N ALA A 254 -12.40 -4.67 -3.83
CA ALA A 254 -13.83 -4.41 -3.86
C ALA A 254 -14.45 -4.91 -5.16
N ALA A 255 -13.61 -5.07 -6.19
CA ALA A 255 -14.07 -5.54 -7.48
C ALA A 255 -13.97 -7.05 -7.57
N LEU A 256 -13.09 -7.64 -6.78
CA LEU A 256 -12.90 -9.08 -6.77
C LEU A 256 -13.73 -9.73 -5.66
N SER A 257 -14.28 -8.91 -4.78
CA SER A 257 -15.09 -9.40 -3.67
C SER A 257 -16.44 -8.70 -3.65
N ALA A 258 -17.02 -8.48 -4.82
CA ALA A 258 -18.32 -7.82 -4.94
C ALA A 258 -19.41 -8.84 -5.22
N ARG A 259 -19.21 -9.67 -6.24
CA ARG A 259 -20.18 -10.68 -6.61
C ARG A 259 -20.32 -11.75 -5.53
N HIS A 260 -19.29 -11.87 -4.69
CA HIS A 260 -19.30 -12.84 -3.61
C HIS A 260 -19.95 -12.28 -2.34
N VAL A 261 -19.36 -11.22 -1.81
CA VAL A 261 -19.87 -10.58 -0.60
C VAL A 261 -21.28 -10.04 -0.81
N THR A 262 -21.38 -8.83 -1.35
CA THR A 262 -22.66 -8.19 -1.60
C THR A 262 -23.50 -9.00 -2.59
N GLY A 263 -22.84 -9.59 -3.59
CA GLY A 263 -23.55 -10.37 -4.59
C GLY A 263 -24.22 -9.50 -5.63
N LYS A 264 -23.96 -8.21 -5.58
CA LYS A 264 -24.55 -7.26 -6.52
C LYS A 264 -23.66 -7.11 -7.75
N PRO A 265 -24.23 -7.31 -8.95
CA PRO A 265 -23.49 -7.19 -10.20
C PRO A 265 -23.08 -5.75 -10.52
N ILE A 266 -21.83 -5.57 -10.93
CA ILE A 266 -21.31 -4.25 -11.26
C ILE A 266 -21.68 -3.89 -12.70
N TYR A 267 -22.70 -3.06 -12.85
CA TYR A 267 -23.15 -2.62 -14.17
C TYR A 267 -22.15 -1.67 -14.81
N PHE A 268 -22.02 -0.48 -14.24
CA PHE A 268 -21.09 0.53 -14.76
C PHE A 268 -19.86 0.65 -13.86
N ALA A 269 -18.90 1.46 -14.30
CA ALA A 269 -17.67 1.68 -13.55
C ALA A 269 -16.97 2.94 -14.02
N GLY A 270 -16.51 3.75 -13.07
CA GLY A 270 -15.83 4.98 -13.40
C GLY A 270 -14.40 4.76 -13.86
N VAL A 271 -14.20 4.04 -14.87
N LEU A 278 -16.44 7.24 -17.97
CA LEU A 278 -17.34 6.20 -17.41
C LEU A 278 -17.90 5.33 -18.53
N GLU A 279 -17.80 4.02 -18.35
CA GLU A 279 -18.29 3.07 -19.35
C GLU A 279 -18.69 1.76 -18.69
N PRO A 280 -19.56 0.97 -19.35
CA PRO A 280 -20.03 -0.31 -18.82
C PRO A 280 -18.89 -1.21 -18.35
N PHE A 281 -19.04 -1.77 -17.16
CA PHE A 281 -18.03 -2.64 -16.59
C PHE A 281 -17.93 -3.95 -17.35
N TYR A 282 -16.73 -4.30 -17.80
CA TYR A 282 -16.51 -5.53 -18.55
C TYR A 282 -15.56 -6.46 -17.80
N PRO A 283 -16.11 -7.41 -17.03
CA PRO A 283 -15.32 -8.38 -16.25
C PRO A 283 -14.27 -9.09 -17.08
N GLU A 284 -14.64 -9.53 -18.27
CA GLU A 284 -13.73 -10.24 -19.16
C GLU A 284 -12.57 -9.34 -19.59
N ARG A 285 -12.88 -8.09 -19.89
CA ARG A 285 -11.86 -7.13 -20.32
C ARG A 285 -10.87 -6.84 -19.20
N LEU A 286 -11.39 -6.47 -18.03
CA LEU A 286 -10.55 -6.16 -16.88
C LEU A 286 -9.73 -7.37 -16.47
N ALA A 287 -10.30 -8.56 -16.64
CA ALA A 287 -9.62 -9.79 -16.28
C ALA A 287 -8.34 -9.97 -17.10
N GLY A 288 -8.28 -9.32 -18.25
CA GLY A 288 -7.11 -9.42 -19.09
C GLY A 288 -6.05 -8.39 -18.73
N ARG A 289 -6.49 -7.18 -18.41
CA ARG A 289 -5.57 -6.11 -18.03
C ARG A 289 -4.78 -6.46 -16.78
N ILE A 290 -5.36 -7.34 -15.96
CA ILE A 290 -4.72 -7.75 -14.71
C ILE A 290 -3.58 -8.73 -14.99
N LEU A 291 -3.74 -9.52 -16.05
CA LEU A 291 -2.73 -10.50 -16.44
C LEU A 291 -1.74 -9.90 -17.42
N GLY A 292 -1.94 -8.64 -17.78
CA GLY A 292 -1.06 -7.98 -18.71
C GLY A 292 -1.32 -8.37 -20.15
N MET A 293 -2.56 -8.17 -20.60
CA MET A 293 -2.95 -8.50 -21.96
C MET A 293 -4.23 -7.77 -22.36
N GLY A 294 -4.49 -6.65 -21.70
CA GLY A 294 -5.68 -5.87 -22.01
C GLY A 294 -5.34 -4.52 -22.61
N ARG B 1 6.79 -28.27 18.86
CA ARG B 1 7.05 -26.80 19.00
C ARG B 1 6.11 -26.01 18.09
N SER B 2 6.02 -24.71 18.33
CA SER B 2 5.15 -23.84 17.55
C SER B 2 5.75 -23.58 16.17
N LEU B 3 6.15 -24.65 15.48
CA LEU B 3 6.73 -24.54 14.15
C LEU B 3 6.25 -25.68 13.26
N LEU B 4 5.20 -26.37 13.72
CA LEU B 4 4.63 -27.48 12.97
C LEU B 4 4.22 -27.05 11.56
N LYS B 5 3.53 -25.92 11.47
CA LYS B 5 3.07 -25.40 10.18
C LYS B 5 4.26 -24.95 9.33
N THR B 6 5.39 -24.67 9.99
CA THR B 6 6.58 -24.22 9.29
C THR B 6 7.40 -25.42 8.80
N LYS B 7 7.28 -26.54 9.51
CA LYS B 7 8.00 -27.75 9.14
C LYS B 7 7.27 -28.53 8.05
N GLU B 8 6.27 -27.89 7.44
CA GLU B 8 5.48 -28.53 6.39
C GLU B 8 6.26 -28.54 5.08
N ASN B 9 7.22 -27.62 4.95
CA ASN B 9 8.03 -27.53 3.75
C ASN B 9 9.51 -27.39 4.11
N LEU B 10 9.81 -27.44 5.40
CA LEU B 10 11.19 -27.32 5.88
C LEU B 10 11.47 -28.35 6.98
N GLY B 11 12.74 -28.72 7.10
CA GLY B 11 13.13 -29.69 8.10
C GLY B 11 12.47 -31.05 7.89
N SER B 12 11.43 -31.33 8.68
CA SER B 12 10.72 -32.60 8.58
C SER B 12 9.99 -32.69 7.25
N GLY B 13 9.81 -31.55 6.59
CA GLY B 13 9.12 -31.53 5.31
C GLY B 13 9.94 -32.19 4.20
N PHE B 14 11.25 -32.11 4.32
CA PHE B 14 12.15 -32.70 3.33
C PHE B 14 12.12 -34.22 3.41
N ILE B 15 11.76 -34.74 4.57
CA ILE B 15 11.69 -36.18 4.79
C ILE B 15 10.67 -36.82 3.84
N SER B 16 9.48 -36.25 3.79
CA SER B 16 8.42 -36.75 2.93
C SER B 16 8.61 -36.25 1.50
N LEU B 17 9.69 -35.50 1.28
CA LEU B 17 10.00 -34.96 -0.04
C LEU B 17 10.98 -35.86 -0.78
N PHE B 18 12.00 -36.31 -0.06
CA PHE B 18 13.02 -37.18 -0.64
C PHE B 18 12.70 -38.65 -0.39
N ARG B 19 11.54 -38.90 0.19
CA ARG B 19 11.10 -40.25 0.50
C ARG B 19 10.99 -41.09 -0.78
N GLY B 20 11.91 -42.03 -0.94
CA GLY B 20 11.90 -42.88 -2.12
C GLY B 20 12.17 -42.12 -3.40
N LYS B 21 13.16 -41.23 -3.34
CA LYS B 21 13.54 -40.42 -4.50
C LYS B 21 15.01 -40.63 -4.85
N LYS B 22 15.34 -40.43 -6.12
CA LYS B 22 16.71 -40.59 -6.58
C LYS B 22 17.30 -39.23 -6.92
N ILE B 23 18.48 -38.95 -6.39
CA ILE B 23 19.15 -37.67 -6.61
C ILE B 23 19.43 -37.44 -8.09
N ASP B 24 18.75 -36.45 -8.67
CA ASP B 24 18.92 -36.12 -10.07
C ASP B 24 18.46 -34.69 -10.36
N ASP B 25 18.51 -34.30 -11.62
CA ASP B 25 18.10 -32.95 -12.03
C ASP B 25 16.66 -32.68 -11.63
N ASP B 26 15.78 -33.64 -11.88
CA ASP B 26 14.36 -33.50 -11.55
C ASP B 26 14.16 -33.50 -10.03
N LEU B 27 15.17 -33.94 -9.30
CA LEU B 27 15.11 -33.99 -7.84
C LEU B 27 15.39 -32.62 -7.25
N PHE B 28 16.50 -32.01 -7.68
CA PHE B 28 16.89 -30.69 -7.19
C PHE B 28 15.81 -29.67 -7.51
N GLU B 29 15.21 -29.79 -8.69
CA GLU B 29 14.16 -28.87 -9.11
C GLU B 29 12.96 -28.95 -8.17
N GLU B 30 12.59 -30.17 -7.81
CA GLU B 30 11.45 -30.39 -6.92
C GLU B 30 11.72 -29.78 -5.54
N LEU B 31 13.00 -29.60 -5.22
CA LEU B 31 13.38 -29.02 -3.94
C LEU B 31 13.41 -27.50 -4.00
N GLU B 32 13.99 -26.97 -5.08
CA GLU B 32 14.09 -25.53 -5.26
C GLU B 32 12.71 -24.89 -5.33
N GLU B 33 11.76 -25.58 -5.96
CA GLU B 33 10.40 -25.08 -6.09
C GLU B 33 9.68 -25.09 -4.74
N GLN B 34 10.25 -25.80 -3.77
CA GLN B 34 9.67 -25.89 -2.45
C GLN B 34 10.30 -24.87 -1.50
N LEU B 35 11.56 -24.52 -1.78
CA LEU B 35 12.28 -23.55 -0.96
C LEU B 35 11.80 -22.13 -1.26
N LEU B 36 11.37 -21.91 -2.49
CA LEU B 36 10.88 -20.60 -2.90
C LEU B 36 9.50 -20.32 -2.33
N ILE B 37 9.02 -21.23 -1.50
CA ILE B 37 7.70 -21.09 -0.88
C ILE B 37 7.82 -20.41 0.48
N ALA B 38 8.80 -20.83 1.27
CA ALA B 38 9.03 -20.27 2.59
C ALA B 38 9.66 -18.89 2.50
N ASP B 39 9.61 -18.29 1.30
CA ASP B 39 10.19 -16.97 1.08
C ASP B 39 11.67 -16.94 1.43
N VAL B 40 12.34 -18.08 1.24
CA VAL B 40 13.76 -18.19 1.55
C VAL B 40 14.57 -17.24 0.66
N GLY B 41 14.02 -16.91 -0.50
CA GLY B 41 14.71 -16.01 -1.41
C GLY B 41 15.22 -16.72 -2.65
N VAL B 42 15.12 -16.06 -3.79
CA VAL B 42 15.59 -16.63 -5.05
C VAL B 42 17.09 -16.81 -5.04
N GLU B 43 17.80 -15.76 -4.63
CA GLU B 43 19.26 -15.79 -4.57
C GLU B 43 19.74 -16.80 -3.53
N THR B 44 19.06 -16.84 -2.40
CA THR B 44 19.41 -17.76 -1.32
C THR B 44 19.21 -19.20 -1.75
N THR B 45 18.01 -19.51 -2.25
CA THR B 45 17.70 -20.85 -2.70
C THR B 45 18.65 -21.30 -3.80
N ARG B 46 18.90 -20.40 -4.76
CA ARG B 46 19.80 -20.69 -5.86
C ARG B 46 21.18 -21.05 -5.35
N LYS B 47 21.60 -20.41 -4.26
CA LYS B 47 22.90 -20.67 -3.66
C LYS B 47 22.92 -22.01 -2.94
N ILE B 48 21.78 -22.38 -2.36
CA ILE B 48 21.66 -23.64 -1.63
C ILE B 48 21.67 -24.82 -2.59
N ILE B 49 20.95 -24.69 -3.70
CA ILE B 49 20.87 -25.76 -4.70
C ILE B 49 22.25 -26.10 -5.25
N THR B 50 23.04 -25.07 -5.53
CA THR B 50 24.38 -25.26 -6.06
C THR B 50 25.30 -25.92 -5.03
N ASN B 51 25.28 -25.39 -3.81
CA ASN B 51 26.11 -25.93 -2.74
C ASN B 51 25.67 -27.34 -2.36
N LEU B 52 24.44 -27.69 -2.73
CA LEU B 52 23.92 -29.01 -2.43
C LEU B 52 24.32 -30.02 -3.50
N THR B 53 24.21 -29.61 -4.76
CA THR B 53 24.58 -30.47 -5.88
C THR B 53 26.05 -30.85 -5.83
N GLU B 54 26.90 -29.87 -5.50
CA GLU B 54 28.33 -30.10 -5.42
C GLU B 54 28.66 -31.06 -4.28
N GLY B 55 27.91 -30.96 -3.18
CA GLY B 55 28.14 -31.83 -2.04
C GLY B 55 27.53 -33.21 -2.23
N ALA B 56 26.52 -33.28 -3.09
CA ALA B 56 25.84 -34.55 -3.36
C ALA B 56 26.37 -35.19 -4.64
N SER B 57 27.58 -34.81 -5.03
CA SER B 57 28.20 -35.36 -6.23
C SER B 57 29.66 -35.72 -5.97
N ARG B 58 30.34 -34.91 -5.17
CA ARG B 58 31.74 -35.15 -4.85
C ARG B 58 31.88 -36.17 -3.73
N LYS B 59 30.76 -36.77 -3.34
CA LYS B 59 30.76 -37.76 -2.27
C LYS B 59 29.98 -39.01 -2.70
N GLN B 60 29.55 -39.03 -3.96
CA GLN B 60 28.79 -40.15 -4.51
C GLN B 60 27.54 -40.44 -3.69
N LEU B 61 26.44 -39.78 -4.07
CA LEU B 61 25.17 -39.96 -3.38
C LEU B 61 24.08 -40.40 -4.36
N ARG B 62 23.43 -41.52 -4.06
CA ARG B 62 22.38 -42.05 -4.91
C ARG B 62 21.05 -42.10 -4.16
N ASP B 63 21.06 -41.60 -2.92
CA ASP B 63 19.86 -41.58 -2.09
C ASP B 63 19.46 -40.14 -1.74
N ALA B 64 18.27 -39.75 -2.16
CA ALA B 64 17.77 -38.40 -1.89
C ALA B 64 17.54 -38.21 -0.39
N GLU B 65 17.22 -39.29 0.30
CA GLU B 65 16.98 -39.24 1.74
C GLU B 65 18.25 -38.92 2.51
N ALA B 66 19.39 -39.05 1.82
CA ALA B 66 20.69 -38.78 2.43
C ALA B 66 20.98 -37.29 2.41
N LEU B 67 20.21 -36.54 1.63
CA LEU B 67 20.40 -35.10 1.52
C LEU B 67 20.03 -34.41 2.83
N TYR B 68 19.31 -35.12 3.68
CA TYR B 68 18.89 -34.59 4.97
C TYR B 68 20.08 -34.07 5.76
N GLY B 69 21.18 -34.83 5.74
CA GLY B 69 22.37 -34.43 6.46
C GLY B 69 23.17 -33.36 5.73
N LEU B 70 22.58 -32.79 4.68
CA LEU B 70 23.25 -31.76 3.90
C LEU B 70 22.58 -30.40 4.10
N LEU B 71 21.28 -30.34 3.81
CA LEU B 71 20.53 -29.11 3.96
C LEU B 71 20.60 -28.60 5.40
N LYS B 72 20.59 -29.52 6.36
CA LYS B 72 20.66 -29.16 7.77
C LYS B 72 21.98 -28.47 8.09
N GLU B 73 22.99 -28.74 7.26
CA GLU B 73 24.30 -28.14 7.44
C GLU B 73 24.38 -26.77 6.77
N GLU B 74 24.00 -26.72 5.50
CA GLU B 74 24.03 -25.48 4.73
C GLU B 74 23.10 -24.44 5.36
N MET B 75 21.84 -24.81 5.55
CA MET B 75 20.86 -23.91 6.13
C MET B 75 21.22 -23.55 7.56
N GLY B 76 22.08 -24.36 8.16
CA GLY B 76 22.50 -24.11 9.53
C GLY B 76 23.61 -23.07 9.60
N GLU B 77 24.46 -23.03 8.57
CA GLU B 77 25.56 -22.08 8.52
C GLU B 77 25.06 -20.68 8.16
N ILE B 78 23.94 -20.63 7.45
CA ILE B 78 23.36 -19.36 7.04
C ILE B 78 22.96 -18.53 8.25
N LEU B 79 22.41 -19.21 9.25
CA LEU B 79 21.98 -18.54 10.48
C LEU B 79 23.13 -18.46 11.48
N ALA B 80 24.14 -19.28 11.28
CA ALA B 80 25.30 -19.30 12.17
C ALA B 80 26.13 -18.05 12.00
N LYS B 81 25.99 -17.40 10.84
CA LYS B 81 26.73 -16.17 10.55
C LYS B 81 26.01 -14.96 11.12
N VAL B 82 24.74 -15.13 11.46
CA VAL B 82 23.94 -14.05 12.02
C VAL B 82 23.50 -14.38 13.45
N ASP B 83 24.13 -15.39 14.03
CA ASP B 83 23.81 -15.80 15.40
C ASP B 83 24.68 -15.07 16.40
N GLU B 84 24.25 -13.88 16.79
CA GLU B 84 25.00 -13.07 17.75
C GLU B 84 24.06 -12.48 18.81
N PRO B 85 24.05 -13.07 20.02
CA PRO B 85 23.21 -12.61 21.12
C PRO B 85 23.35 -11.10 21.38
N LEU B 86 22.30 -10.51 21.94
CA LEU B 86 22.31 -9.08 22.24
C LEU B 86 22.75 -8.83 23.68
N ASN B 87 23.74 -7.95 23.85
CA ASN B 87 24.25 -7.62 25.16
C ASN B 87 23.96 -6.15 25.49
N VAL B 88 23.37 -5.92 26.66
CA VAL B 88 23.03 -4.56 27.08
C VAL B 88 23.59 -4.23 28.46
N GLU B 89 24.79 -4.74 28.75
CA GLU B 89 25.42 -4.50 30.04
C GLU B 89 26.66 -3.63 29.87
N GLY B 90 27.03 -2.92 30.94
CA GLY B 90 28.20 -2.07 30.88
C GLY B 90 27.84 -0.63 30.55
N LYS B 91 27.02 -0.45 29.51
CA LYS B 91 26.60 0.88 29.09
C LYS B 91 25.42 1.36 29.91
N ALA B 92 25.35 2.68 30.12
CA ALA B 92 24.27 3.27 30.90
C ALA B 92 24.14 4.75 30.60
N PRO B 93 23.05 5.15 29.92
CA PRO B 93 21.99 4.27 29.43
C PRO B 93 22.40 3.48 28.20
N PHE B 94 21.47 2.69 27.66
CA PHE B 94 21.74 1.88 26.48
C PHE B 94 20.63 2.11 25.45
N VAL B 95 20.88 3.02 24.52
CA VAL B 95 19.92 3.34 23.47
C VAL B 95 19.69 2.16 22.55
N ILE B 96 18.42 1.93 22.20
CA ILE B 96 18.04 0.84 21.31
C ILE B 96 17.08 1.34 20.24
N LEU B 97 17.63 1.77 19.11
CA LEU B 97 16.81 2.28 18.01
C LEU B 97 15.83 1.23 17.51
N MET B 98 14.55 1.57 17.54
CA MET B 98 13.51 0.65 17.08
C MET B 98 12.88 1.15 15.79
N VAL B 99 13.31 0.59 14.67
CA VAL B 99 12.79 0.97 13.37
C VAL B 99 11.88 -0.10 12.78
N GLY B 100 10.97 0.31 11.92
CA GLY B 100 10.05 -0.64 11.30
C GLY B 100 8.76 0.02 10.83
N VAL B 101 8.13 -0.57 9.83
CA VAL B 101 6.88 -0.05 9.28
C VAL B 101 5.77 -0.12 10.31
N ASN B 102 4.91 0.90 10.33
CA ASN B 102 3.80 0.95 11.26
C ASN B 102 2.90 -0.26 11.11
N GLY B 103 2.53 -0.88 12.23
CA GLY B 103 1.66 -2.05 12.19
C GLY B 103 2.42 -3.32 11.85
N VAL B 104 3.49 -3.58 12.58
CA VAL B 104 4.30 -4.77 12.34
C VAL B 104 4.52 -5.54 13.65
N GLY B 105 4.60 -4.81 14.75
CA GLY B 105 4.81 -5.44 16.04
C GLY B 105 5.87 -4.73 16.87
N LYS B 106 6.22 -3.52 16.46
CA LYS B 106 7.24 -2.74 17.17
C LYS B 106 6.80 -2.46 18.60
N THR B 107 5.68 -1.74 18.73
CA THR B 107 5.15 -1.39 20.05
C THR B 107 4.94 -2.62 20.90
N THR B 108 4.64 -3.75 20.26
CA THR B 108 4.43 -5.00 20.96
C THR B 108 5.75 -5.61 21.43
N THR B 109 6.76 -5.51 20.58
CA THR B 109 8.08 -6.04 20.91
C THR B 109 8.75 -5.22 22.01
N ILE B 110 8.59 -3.89 21.92
CA ILE B 110 9.18 -2.99 22.90
C ILE B 110 8.67 -3.31 24.31
N GLY B 111 7.42 -3.76 24.38
CA GLY B 111 6.84 -4.10 25.67
C GLY B 111 7.39 -5.39 26.24
N LYS B 112 7.38 -6.45 25.43
CA LYS B 112 7.88 -7.75 25.86
C LYS B 112 9.38 -7.71 26.13
N LEU B 113 10.12 -7.05 25.25
CA LEU B 113 11.56 -6.94 25.40
C LEU B 113 11.93 -6.17 26.67
N ALA B 114 11.13 -5.17 27.00
CA ALA B 114 11.37 -4.36 28.19
C ALA B 114 11.17 -5.18 29.46
N ARG B 115 10.19 -6.08 29.43
CA ARG B 115 9.88 -6.92 30.58
C ARG B 115 10.96 -7.97 30.79
N GLN B 116 11.86 -8.11 29.82
CA GLN B 116 12.94 -9.08 29.91
C GLN B 116 14.13 -8.51 30.67
N PHE B 117 14.48 -7.26 30.37
CA PHE B 117 15.60 -6.60 31.03
C PHE B 117 15.33 -6.45 32.53
N GLU B 118 14.19 -5.85 32.87
CA GLU B 118 13.82 -5.64 34.26
C GLU B 118 13.75 -6.96 35.02
N GLN B 119 13.44 -8.04 34.31
CA GLN B 119 13.35 -9.35 34.92
C GLN B 119 14.73 -9.87 35.29
N GLN B 120 15.75 -9.41 34.57
CA GLN B 120 17.12 -9.81 34.82
C GLN B 120 17.72 -9.00 35.97
N GLY B 121 17.30 -7.75 36.08
CA GLY B 121 17.79 -6.88 37.13
C GLY B 121 18.40 -5.60 36.59
N LYS B 122 17.57 -4.78 35.96
CA LYS B 122 18.03 -3.52 35.40
C LYS B 122 16.84 -2.63 35.02
N SER B 123 16.98 -1.32 35.25
CA SER B 123 15.93 -0.38 34.94
C SER B 123 15.85 -0.11 33.44
N VAL B 124 14.64 0.16 32.96
CA VAL B 124 14.42 0.43 31.55
C VAL B 124 13.51 1.64 31.37
N MET B 125 13.82 2.48 30.39
CA MET B 125 13.03 3.68 30.13
C MET B 125 12.55 3.70 28.68
N LEU B 126 11.24 3.81 28.50
CA LEU B 126 10.64 3.84 27.16
C LEU B 126 10.69 5.25 26.58
N ALA B 127 10.26 5.38 25.33
CA ALA B 127 10.26 6.67 24.64
C ALA B 127 9.44 6.60 23.36
N ALA B 128 8.24 7.17 23.40
CA ALA B 128 7.36 7.18 22.24
C ALA B 128 7.84 8.18 21.20
N GLY B 129 8.77 7.75 20.36
CA GLY B 129 9.31 8.63 19.33
C GLY B 129 8.25 9.11 18.36
N ASP B 130 7.72 8.20 17.56
CA ASP B 130 6.69 8.53 16.58
C ASP B 130 5.49 9.16 17.26
N THR B 131 5.41 10.49 17.19
CA THR B 131 4.31 11.23 17.81
C THR B 131 3.07 11.25 16.92
N PHE B 132 3.29 11.19 15.60
CA PHE B 132 2.18 11.19 14.65
C PHE B 132 1.18 10.09 14.96
N ARG B 133 1.68 8.94 15.36
CA ARG B 133 0.83 7.80 15.69
C ARG B 133 0.47 7.82 17.17
N ALA B 134 -0.63 8.50 17.50
CA ALA B 134 -1.09 8.60 18.88
C ALA B 134 -1.53 7.23 19.40
N ALA B 135 -1.89 6.34 18.49
CA ALA B 135 -2.34 5.00 18.85
C ALA B 135 -1.22 4.22 19.52
N ALA B 136 0.03 4.56 19.20
CA ALA B 136 1.19 3.89 19.77
C ALA B 136 1.64 4.58 21.04
N VAL B 137 1.74 5.91 20.99
CA VAL B 137 2.18 6.69 22.14
C VAL B 137 1.24 6.49 23.32
N GLU B 138 -0.06 6.51 23.06
CA GLU B 138 -1.06 6.32 24.10
C GLU B 138 -0.92 4.97 24.79
N GLN B 139 -0.53 3.96 24.01
CA GLN B 139 -0.36 2.61 24.54
C GLN B 139 0.94 2.49 25.33
N LEU B 140 1.98 3.17 24.86
CA LEU B 140 3.28 3.13 25.53
C LEU B 140 3.22 3.82 26.88
N GLN B 141 2.31 4.77 27.03
CA GLN B 141 2.16 5.51 28.28
C GLN B 141 1.29 4.75 29.27
N VAL B 142 0.11 4.33 28.83
CA VAL B 142 -0.82 3.60 29.68
C VAL B 142 -0.21 2.30 30.18
N TRP B 143 0.71 1.74 29.40
CA TRP B 143 1.38 0.49 29.76
C TRP B 143 2.38 0.72 30.89
N GLY B 144 3.40 1.53 30.61
CA GLY B 144 4.42 1.81 31.61
C GLY B 144 3.88 2.55 32.81
N GLN B 145 2.62 2.96 32.74
CA GLN B 145 1.99 3.69 33.83
C GLN B 145 1.69 2.76 35.00
N ARG B 146 1.43 1.49 34.70
CA ARG B 146 1.13 0.50 35.72
C ARG B 146 2.36 -0.35 36.04
N ASN B 147 3.26 -0.46 35.07
CA ASN B 147 4.48 -1.24 35.23
C ASN B 147 5.59 -0.41 35.86
N ASN B 148 5.24 0.79 36.31
CA ASN B 148 6.20 1.70 36.92
C ASN B 148 7.37 1.98 35.98
N ILE B 149 7.12 1.85 34.68
CA ILE B 149 8.15 2.09 33.67
C ILE B 149 8.06 3.52 33.16
N PRO B 150 9.16 4.27 33.24
CA PRO B 150 9.21 5.66 32.78
C PRO B 150 9.09 5.78 31.25
N VAL B 151 8.14 6.59 30.81
CA VAL B 151 7.92 6.80 29.38
C VAL B 151 8.03 8.27 29.02
N ILE B 152 8.77 8.55 27.95
CA ILE B 152 8.97 9.93 27.49
C ILE B 152 8.11 10.22 26.27
N ALA B 153 7.22 11.20 26.40
CA ALA B 153 6.33 11.59 25.31
C ALA B 153 6.11 13.10 25.30
N GLN B 154 5.78 13.64 24.13
CA GLN B 154 5.53 15.07 23.99
C GLN B 154 4.27 15.32 23.18
N HIS B 155 4.10 16.56 22.72
CA HIS B 155 2.93 16.95 21.94
C HIS B 155 2.89 16.17 20.63
N THR B 156 1.73 15.63 20.30
CA THR B 156 1.56 14.85 19.08
C THR B 156 1.95 15.68 17.86
N GLY B 157 3.06 15.30 17.23
CA GLY B 157 3.53 16.02 16.06
C GLY B 157 4.93 16.57 16.24
N ALA B 158 5.50 16.35 17.43
CA ALA B 158 6.83 16.83 17.74
C ALA B 158 7.88 16.02 16.98
N ASP B 159 9.13 16.49 17.03
CA ASP B 159 10.22 15.82 16.34
C ASP B 159 10.55 14.49 17.02
N SER B 160 10.30 13.39 16.31
CA SER B 160 10.57 12.06 16.83
C SER B 160 12.07 11.82 16.99
N ALA B 161 12.86 12.67 16.34
CA ALA B 161 14.31 12.55 16.41
C ALA B 161 14.86 13.17 17.69
N SER B 162 13.96 13.59 18.58
CA SER B 162 14.36 14.19 19.84
C SER B 162 13.71 13.48 21.02
N VAL B 163 12.63 12.76 20.77
CA VAL B 163 11.92 12.04 21.82
C VAL B 163 12.87 11.06 22.52
N ILE B 164 13.89 10.63 21.80
CA ILE B 164 14.88 9.69 22.33
C ILE B 164 15.88 10.43 23.23
N PHE B 165 16.24 11.64 22.82
CA PHE B 165 17.20 12.45 23.58
C PHE B 165 16.69 12.69 24.99
N ASP B 166 15.43 13.08 25.10
CA ASP B 166 14.82 13.36 26.40
C ASP B 166 14.93 12.14 27.32
N ALA B 167 14.87 10.95 26.72
CA ALA B 167 14.98 9.70 27.47
C ALA B 167 16.42 9.44 27.89
N ILE B 168 17.36 9.84 27.03
CA ILE B 168 18.77 9.65 27.31
C ILE B 168 19.25 10.61 28.39
N GLN B 169 18.86 11.88 28.27
CA GLN B 169 19.25 12.90 29.23
C GLN B 169 18.64 12.59 30.61
N ALA B 170 17.44 12.03 30.61
CA ALA B 170 16.75 11.69 31.85
C ALA B 170 17.13 10.28 32.31
N ALA B 171 18.17 9.72 31.71
CA ALA B 171 18.63 8.38 32.05
C ALA B 171 19.96 8.44 32.81
N LYS B 172 20.78 9.44 32.49
CA LYS B 172 22.06 9.61 33.14
C LYS B 172 21.91 10.27 34.50
N ALA B 173 20.73 10.84 34.74
CA ALA B 173 20.44 11.51 36.00
C ALA B 173 19.55 10.64 36.88
N ARG B 174 18.66 9.89 36.24
CA ARG B 174 17.74 9.02 36.96
C ARG B 174 18.29 7.59 37.04
N ASN B 175 19.50 7.40 36.52
CA ASN B 175 20.14 6.10 36.54
C ASN B 175 19.30 5.06 35.80
N ILE B 176 19.56 4.90 34.51
CA ILE B 176 18.83 3.93 33.69
C ILE B 176 19.79 3.05 32.91
N ASP B 177 19.57 1.74 32.97
CA ASP B 177 20.42 0.78 32.27
C ASP B 177 20.05 0.69 30.79
N VAL B 178 18.89 0.10 30.51
CA VAL B 178 18.42 -0.04 29.14
C VAL B 178 17.51 1.12 28.74
N LEU B 179 17.69 1.61 27.52
CA LEU B 179 16.89 2.71 27.01
C LEU B 179 16.33 2.36 25.64
N ILE B 180 15.04 2.06 25.59
CA ILE B 180 14.37 1.70 24.34
C ILE B 180 13.52 2.86 23.83
N ALA B 181 13.53 3.07 22.52
CA ALA B 181 12.75 4.13 21.91
C ALA B 181 12.30 3.74 20.50
N ASP B 182 11.06 4.09 20.16
CA ASP B 182 10.51 3.78 18.86
C ASP B 182 10.60 4.98 17.93
N THR B 183 10.49 4.73 16.62
CA THR B 183 10.57 5.77 15.62
C THR B 183 9.46 5.63 14.59
N ALA B 184 9.46 6.51 13.59
CA ALA B 184 8.45 6.48 12.54
C ALA B 184 8.78 5.39 11.52
N GLY B 185 7.73 4.82 10.92
CA GLY B 185 7.93 3.77 9.93
C GLY B 185 6.96 3.88 8.78
N ARG B 186 7.23 4.81 7.86
CA ARG B 186 6.38 5.02 6.70
C ARG B 186 7.17 4.81 5.40
N LEU B 187 6.75 3.84 4.61
CA LEU B 187 7.42 3.54 3.35
C LEU B 187 6.92 4.42 2.21
N GLN B 188 5.87 5.19 2.48
CA GLN B 188 5.29 6.08 1.48
C GLN B 188 6.33 7.05 0.94
N ASN B 189 7.28 7.43 1.79
CA ASN B 189 8.34 8.35 1.40
C ASN B 189 9.69 7.82 1.86
N LYS B 190 10.35 7.05 0.99
CA LYS B 190 11.65 6.47 1.29
C LYS B 190 12.64 7.51 1.80
N SER B 191 12.86 8.55 1.01
CA SER B 191 13.79 9.62 1.36
C SER B 191 13.56 10.16 2.76
N HIS B 192 12.34 10.60 3.04
CA HIS B 192 12.00 11.15 4.35
C HIS B 192 12.41 10.21 5.47
N LEU B 193 12.03 8.94 5.34
CA LEU B 193 12.36 7.94 6.34
C LEU B 193 13.86 7.82 6.55
N MET B 194 14.62 8.05 5.49
CA MET B 194 16.08 7.98 5.56
C MET B 194 16.64 9.14 6.38
N GLU B 195 16.42 10.36 5.90
CA GLU B 195 16.91 11.55 6.57
C GLU B 195 16.38 11.65 8.00
N GLU B 196 15.14 11.19 8.20
CA GLU B 196 14.52 11.23 9.51
C GLU B 196 15.34 10.44 10.53
N LEU B 197 15.55 9.16 10.25
CA LEU B 197 16.32 8.29 11.14
C LEU B 197 17.79 8.66 11.14
N LYS B 198 18.31 9.05 9.98
CA LYS B 198 19.71 9.43 9.85
C LYS B 198 20.04 10.64 10.72
N LYS B 199 19.07 11.54 10.88
CA LYS B 199 19.26 12.74 11.68
C LYS B 199 19.08 12.42 13.16
N ILE B 200 18.81 11.15 13.47
CA ILE B 200 18.62 10.72 14.84
C ILE B 200 19.91 10.12 15.41
N VAL B 201 20.61 9.37 14.55
CA VAL B 201 21.87 8.74 14.95
C VAL B 201 23.02 9.74 14.95
N ARG B 202 22.86 10.82 14.20
CA ARG B 202 23.88 11.85 14.11
C ARG B 202 23.77 12.87 15.24
N VAL B 203 22.68 12.79 16.00
CA VAL B 203 22.46 13.72 17.10
C VAL B 203 22.65 13.06 18.47
N MET B 204 22.50 11.75 18.53
CA MET B 204 22.65 11.02 19.78
C MET B 204 24.13 10.86 20.16
N LYS B 205 25.00 11.59 19.45
CA LYS B 205 26.43 11.53 19.72
C LYS B 205 26.85 12.66 20.65
N LYS B 206 25.87 13.35 21.21
CA LYS B 206 26.13 14.46 22.13
C LYS B 206 26.37 13.96 23.54
N LEU B 207 25.38 13.23 24.08
CA LEU B 207 25.49 12.70 25.44
C LEU B 207 26.27 11.39 25.46
N ASP B 208 26.36 10.74 24.30
CA ASP B 208 27.08 9.48 24.19
C ASP B 208 27.57 9.28 22.76
N VAL B 209 28.88 9.39 22.57
CA VAL B 209 29.50 9.24 21.25
C VAL B 209 29.38 7.81 20.71
N GLU B 210 28.77 6.93 21.49
CA GLU B 210 28.61 5.54 21.07
C GLU B 210 27.13 5.22 20.84
N ALA B 211 26.26 6.14 21.23
CA ALA B 211 24.82 5.95 21.06
C ALA B 211 24.37 6.51 19.72
N PRO B 212 23.44 5.80 19.04
CA PRO B 212 22.82 4.55 19.49
C PRO B 212 23.79 3.37 19.46
N HIS B 213 23.54 2.38 20.31
CA HIS B 213 24.40 1.20 20.37
C HIS B 213 23.86 0.07 19.50
N GLU B 214 22.54 -0.08 19.49
CA GLU B 214 21.90 -1.12 18.70
C GLU B 214 20.74 -0.58 17.86
N VAL B 215 20.70 -0.99 16.60
CA VAL B 215 19.65 -0.55 15.69
C VAL B 215 18.70 -1.72 15.41
N MET B 216 17.86 -2.03 16.39
CA MET B 216 16.92 -3.13 16.27
C MET B 216 15.96 -2.92 15.10
N LEU B 217 15.51 -4.02 14.50
CA LEU B 217 14.59 -3.98 13.37
C LEU B 217 13.44 -4.94 13.59
N THR B 218 12.23 -4.40 13.74
CA THR B 218 11.05 -5.22 13.96
C THR B 218 10.30 -5.46 12.65
N ILE B 219 10.38 -6.68 12.15
CA ILE B 219 9.71 -7.04 10.91
C ILE B 219 8.88 -8.31 11.09
N ASP B 220 7.68 -8.32 10.49
CA ASP B 220 6.79 -9.46 10.59
C ASP B 220 7.27 -10.60 9.68
N ALA B 221 7.02 -11.84 10.11
CA ALA B 221 7.43 -13.00 9.34
C ALA B 221 6.35 -13.48 8.37
N SER B 222 5.12 -13.55 8.86
CA SER B 222 3.99 -14.01 8.04
C SER B 222 3.88 -13.21 6.74
N THR B 223 4.46 -12.01 6.73
CA THR B 223 4.42 -11.15 5.56
C THR B 223 5.11 -11.83 4.37
N GLY B 224 6.23 -12.50 4.65
CA GLY B 224 6.96 -13.19 3.60
C GLY B 224 7.88 -12.27 2.83
N GLN B 225 7.60 -12.09 1.54
CA GLN B 225 8.42 -11.24 0.69
C GLN B 225 8.49 -9.81 1.22
N ASN B 226 7.42 -9.38 1.87
CA ASN B 226 7.36 -8.03 2.43
C ASN B 226 8.45 -7.82 3.47
N ALA B 227 8.70 -8.85 4.28
CA ALA B 227 9.72 -8.78 5.32
C ALA B 227 11.10 -8.56 4.71
N VAL B 228 11.26 -8.98 3.45
CA VAL B 228 12.53 -8.85 2.75
C VAL B 228 12.68 -7.44 2.17
N SER B 229 11.60 -6.91 1.61
CA SER B 229 11.61 -5.58 1.02
C SER B 229 11.82 -4.52 2.09
N GLN B 230 11.16 -4.68 3.23
CA GLN B 230 11.27 -3.73 4.34
C GLN B 230 12.69 -3.69 4.87
N ALA B 231 13.21 -4.84 5.26
CA ALA B 231 14.56 -4.95 5.80
C ALA B 231 15.59 -4.36 4.83
N LYS B 232 15.34 -4.54 3.53
CA LYS B 232 16.23 -4.03 2.50
C LYS B 232 16.20 -2.51 2.45
N LEU B 233 15.04 -1.94 2.80
CA LEU B 233 14.87 -0.49 2.79
C LEU B 233 15.59 0.13 3.99
N PHE B 234 15.31 -0.40 5.18
CA PHE B 234 15.92 0.11 6.40
C PHE B 234 17.42 -0.13 6.40
N HIS B 235 17.87 -1.12 5.62
CA HIS B 235 19.29 -1.44 5.53
C HIS B 235 20.04 -0.36 4.76
N GLU B 236 19.39 0.21 3.76
CA GLU B 236 20.00 1.25 2.95
C GLU B 236 19.80 2.63 3.57
N ALA B 237 18.89 2.71 4.54
CA ALA B 237 18.60 3.96 5.23
C ALA B 237 19.62 4.21 6.35
N VAL B 238 19.66 3.30 7.30
CA VAL B 238 20.59 3.42 8.43
C VAL B 238 21.43 2.16 8.60
N GLY B 239 22.37 2.19 9.53
CA GLY B 239 23.22 1.04 9.77
C GLY B 239 22.59 0.06 10.74
N LEU B 240 21.80 -0.86 10.21
CA LEU B 240 21.14 -1.88 11.03
C LEU B 240 22.16 -2.80 11.68
N THR B 241 21.90 -3.17 12.93
CA THR B 241 22.80 -4.05 13.67
C THR B 241 22.02 -5.15 14.38
N GLY B 242 20.72 -5.22 14.12
CA GLY B 242 19.89 -6.23 14.75
C GLY B 242 18.51 -6.32 14.13
N ILE B 243 18.01 -7.54 13.98
CA ILE B 243 16.69 -7.77 13.40
C ILE B 243 15.94 -8.84 14.19
N THR B 244 14.64 -8.66 14.33
CA THR B 244 13.81 -9.60 15.06
C THR B 244 12.58 -9.99 14.25
N LEU B 245 12.40 -11.30 14.05
CA LEU B 245 11.26 -11.81 13.29
C LEU B 245 10.11 -12.17 14.22
N THR B 246 9.01 -11.44 14.11
CA THR B 246 7.83 -11.68 14.93
C THR B 246 6.72 -12.34 14.13
N LYS B 247 5.74 -12.89 14.84
CA LYS B 247 4.61 -13.55 14.20
C LYS B 247 5.07 -14.63 13.22
N LEU B 248 6.12 -15.34 13.59
CA LEU B 248 6.66 -16.41 12.75
C LEU B 248 5.79 -17.66 12.87
N ASP B 249 5.39 -17.98 14.10
CA ASP B 249 4.56 -19.15 14.35
C ASP B 249 3.13 -18.90 13.89
N GLY B 250 2.59 -19.82 13.09
CA GLY B 250 1.23 -19.67 12.60
C GLY B 250 1.18 -19.57 11.09
N THR B 251 2.34 -19.62 10.46
CA THR B 251 2.43 -19.54 9.00
C THR B 251 3.52 -20.45 8.47
N ALA B 252 3.33 -20.94 7.24
CA ALA B 252 4.29 -21.83 6.62
C ALA B 252 5.33 -21.03 5.81
N LYS B 253 5.69 -19.86 6.33
CA LYS B 253 6.66 -19.00 5.67
C LYS B 253 7.79 -18.62 6.61
N GLY B 254 8.13 -19.54 7.52
CA GLY B 254 9.20 -19.29 8.46
C GLY B 254 10.57 -19.32 7.83
N GLY B 255 10.62 -19.72 6.57
CA GLY B 255 11.90 -19.80 5.87
C GLY B 255 12.43 -18.44 5.49
N VAL B 256 11.64 -17.40 5.75
CA VAL B 256 12.04 -16.03 5.43
C VAL B 256 13.29 -15.64 6.22
N ILE B 257 13.50 -16.29 7.36
CA ILE B 257 14.65 -16.02 8.20
C ILE B 257 15.95 -16.28 7.45
N PHE B 258 15.91 -17.22 6.51
CA PHE B 258 17.08 -17.57 5.72
C PHE B 258 17.35 -16.51 4.67
N SER B 259 16.36 -15.65 4.42
CA SER B 259 16.49 -14.58 3.44
C SER B 259 16.99 -13.29 4.10
N VAL B 260 16.56 -13.08 5.35
CA VAL B 260 16.95 -11.89 6.10
C VAL B 260 18.21 -12.15 6.92
N ALA B 261 18.95 -13.18 6.54
CA ALA B 261 20.18 -13.54 7.25
C ALA B 261 21.31 -13.83 6.27
N ASP B 262 20.95 -14.08 5.02
CA ASP B 262 21.93 -14.37 3.98
C ASP B 262 22.11 -13.18 3.04
N GLN B 263 21.00 -12.70 2.50
CA GLN B 263 21.02 -11.56 1.58
C GLN B 263 21.50 -10.30 2.29
N PHE B 264 21.30 -10.25 3.61
CA PHE B 264 21.71 -9.11 4.41
C PHE B 264 22.88 -9.46 5.31
N GLY B 265 22.74 -10.53 6.08
CA GLY B 265 23.80 -10.94 6.97
C GLY B 265 23.72 -10.27 8.33
N ILE B 266 22.68 -9.47 8.53
CA ILE B 266 22.49 -8.76 9.79
C ILE B 266 22.17 -9.75 10.91
N PRO B 267 23.07 -9.86 11.90
CA PRO B 267 22.90 -10.77 13.04
C PRO B 267 21.55 -10.60 13.74
N ILE B 268 20.71 -11.62 13.63
CA ILE B 268 19.39 -11.59 14.26
C ILE B 268 19.53 -11.60 15.77
N ARG B 269 18.81 -10.69 16.43
CA ARG B 269 18.86 -10.59 17.89
C ARG B 269 17.88 -11.54 18.56
N TYR B 270 16.59 -11.21 18.47
CA TYR B 270 15.55 -12.04 19.08
C TYR B 270 14.64 -12.66 18.02
N ILE B 271 13.83 -13.62 18.44
CA ILE B 271 12.91 -14.30 17.54
C ILE B 271 11.58 -14.58 18.24
N GLY B 272 10.49 -14.32 17.53
CA GLY B 272 9.16 -14.54 18.11
C GLY B 272 8.58 -15.89 17.71
N VAL B 273 8.09 -16.63 18.69
CA VAL B 273 7.50 -17.95 18.44
C VAL B 273 6.22 -18.13 19.24
N GLY B 274 5.64 -17.04 19.69
CA GLY B 274 4.41 -17.11 20.46
C GLY B 274 3.77 -15.75 20.68
N GLU B 275 3.02 -15.63 21.77
CA GLU B 275 2.35 -14.38 22.11
C GLU B 275 2.78 -13.87 23.48
N ARG B 276 3.21 -14.78 24.33
CA ARG B 276 3.66 -14.43 25.68
C ARG B 276 5.01 -13.75 25.63
N ILE B 277 5.34 -13.03 26.71
CA ILE B 277 6.62 -12.33 26.79
C ILE B 277 7.78 -13.32 26.80
N GLU B 278 7.53 -14.51 27.35
CA GLU B 278 8.55 -15.55 27.43
C GLU B 278 8.83 -16.15 26.06
N ASP B 279 7.83 -16.09 25.18
CA ASP B 279 7.98 -16.63 23.83
C ASP B 279 8.78 -15.69 22.94
N LEU B 280 9.99 -15.36 23.37
CA LEU B 280 10.86 -14.46 22.62
C LEU B 280 12.31 -14.65 23.07
N ARG B 281 12.79 -15.89 23.00
CA ARG B 281 14.16 -16.20 23.40
C ARG B 281 15.14 -15.69 22.35
N PRO B 282 16.37 -15.35 22.78
CA PRO B 282 17.40 -14.84 21.86
C PRO B 282 17.60 -15.76 20.66
N PHE B 283 17.94 -15.17 19.52
CA PHE B 283 18.16 -15.94 18.29
C PHE B 283 19.26 -16.97 18.49
N LYS B 284 18.95 -18.23 18.20
CA LYS B 284 19.92 -19.31 18.35
C LYS B 284 19.96 -20.16 17.08
N ALA B 285 21.16 -20.36 16.55
CA ALA B 285 21.33 -21.15 15.34
C ALA B 285 21.25 -22.65 15.60
N ASP B 286 22.06 -23.13 16.53
CA ASP B 286 22.07 -24.56 16.87
C ASP B 286 20.86 -24.96 17.71
N ASP B 287 19.82 -24.14 17.66
CA ASP B 287 18.59 -24.42 18.40
C ASP B 287 17.39 -24.40 17.47
N PHE B 288 17.26 -23.33 16.69
CA PHE B 288 16.16 -23.17 15.75
C PHE B 288 16.20 -24.26 14.69
N ILE B 289 17.40 -24.56 14.20
CA ILE B 289 17.58 -25.59 13.18
C ILE B 289 17.33 -26.98 13.77
N GLU B 290 17.77 -27.18 15.01
CA GLU B 290 17.59 -28.46 15.68
C GLU B 290 16.11 -28.76 15.90
N ALA B 291 15.31 -27.71 16.01
CA ALA B 291 13.87 -27.86 16.22
C ALA B 291 13.12 -27.78 14.89
N LEU B 292 13.72 -27.10 13.91
CA LEU B 292 13.11 -26.95 12.61
C LEU B 292 13.09 -28.29 11.88
N PHE B 293 14.20 -29.02 11.98
CA PHE B 293 14.31 -30.33 11.34
C PHE B 293 13.85 -31.42 12.29
N ALA B 294 13.47 -31.04 13.50
CA ALA B 294 13.01 -31.99 14.50
C ALA B 294 11.82 -32.80 13.98
N ARG B 295 12.05 -34.08 13.73
CA ARG B 295 11.01 -34.97 13.23
C ARG B 295 10.05 -35.35 14.36
N LEU D 1 -4.51 22.44 -6.60
CA LEU D 1 -4.97 22.11 -7.99
C LEU D 1 -4.83 23.33 -8.89
N LEU D 21 1.74 40.14 -17.45
CA LEU D 21 1.11 39.28 -18.50
C LEU D 21 1.50 37.81 -18.31
N THR D 22 2.68 37.60 -17.72
CA THR D 22 3.18 36.25 -17.49
C THR D 22 3.47 36.02 -16.01
N LEU D 23 4.01 37.05 -15.35
CA LEU D 23 4.34 36.97 -13.94
C LEU D 23 3.12 36.54 -13.13
N ARG D 24 1.98 37.18 -13.41
CA ARG D 24 0.74 36.87 -12.71
C ARG D 24 0.35 35.42 -12.91
N ASP D 25 0.79 34.84 -14.03
CA ASP D 25 0.49 33.46 -14.36
C ASP D 25 1.49 32.51 -13.68
N VAL D 26 2.73 32.95 -13.58
CA VAL D 26 3.78 32.15 -12.95
C VAL D 26 3.45 31.86 -11.49
N TYR D 27 3.05 32.89 -10.77
CA TYR D 27 2.71 32.75 -9.35
C TYR D 27 1.47 31.88 -9.16
N ALA D 28 0.42 32.19 -9.93
CA ALA D 28 -0.83 31.44 -9.85
C ALA D 28 -0.64 29.98 -10.25
N GLN D 29 0.52 29.68 -10.84
CA GLN D 29 0.83 28.33 -11.28
C GLN D 29 1.74 27.62 -10.29
N ILE D 30 2.87 28.25 -9.98
CA ILE D 30 3.84 27.68 -9.04
C ILE D 30 3.19 27.44 -7.68
N ILE D 31 2.33 28.35 -7.27
CA ILE D 31 1.63 28.23 -5.98
C ILE D 31 0.82 26.93 -5.97
N ALA D 32 0.26 26.58 -7.13
CA ALA D 32 -0.54 25.37 -7.26
C ALA D 32 0.34 24.14 -7.48
N LEU D 33 1.66 24.36 -7.52
CA LEU D 33 2.61 23.28 -7.72
C LEU D 33 3.26 22.84 -6.41
N ARG D 34 2.49 22.92 -5.33
CA ARG D 34 2.99 22.53 -4.01
C ARG D 34 1.90 21.86 -3.17
N LYS D 35 0.67 22.33 -3.34
CA LYS D 35 -0.47 21.79 -2.61
C LYS D 35 -0.95 20.47 -3.20
N MET D 36 0.00 19.58 -3.52
CA MET D 36 -0.36 18.29 -4.09
C MET D 36 0.84 17.36 -4.20
N GLY D 37 2.03 17.89 -3.92
CA GLY D 37 3.22 17.06 -4.01
C GLY D 37 4.49 17.64 -3.43
N PRO D 38 5.39 18.22 -4.25
CA PRO D 38 5.36 18.39 -5.71
C PRO D 38 4.50 17.39 -6.49
N LEU D 39 3.37 17.90 -6.98
CA LEU D 39 2.42 17.10 -7.74
C LEU D 39 3.02 16.54 -9.02
N SER D 40 2.17 15.92 -9.83
CA SER D 40 2.60 15.33 -11.10
C SER D 40 1.57 15.63 -12.18
N LYS D 41 0.85 16.73 -12.03
CA LYS D 41 -0.17 17.13 -13.00
C LYS D 41 0.46 17.51 -14.34
N VAL D 42 1.76 17.31 -14.46
CA VAL D 42 2.47 17.61 -15.70
C VAL D 42 1.90 16.79 -16.84
N LEU D 43 1.11 15.78 -16.49
CA LEU D 43 0.49 14.91 -17.47
C LEU D 43 -1.03 15.09 -17.43
N GLN D 44 -1.46 16.34 -17.39
CA GLN D 44 -2.89 16.66 -17.37
C GLN D 44 -3.29 17.43 -18.62
N HIS D 45 -2.38 18.24 -19.13
CA HIS D 45 -2.65 19.03 -20.34
C HIS D 45 -1.73 18.63 -21.49
N ILE D 46 -1.21 17.41 -21.43
CA ILE D 46 -0.31 16.91 -22.47
C ILE D 46 -0.82 15.60 -23.09
N PRO D 47 -1.60 15.71 -24.18
CA PRO D 47 -2.16 14.55 -24.88
C PRO D 47 -1.11 13.52 -25.26
N GLY D 48 0.15 13.95 -25.30
CA GLY D 48 1.23 13.05 -25.64
C GLY D 48 1.42 11.93 -24.64
N LEU D 49 2.43 11.10 -24.88
CA LEU D 49 2.72 9.97 -23.99
C LEU D 49 4.00 10.22 -23.20
N GLY D 50 4.23 9.39 -22.19
CA GLY D 50 5.42 9.53 -21.37
C GLY D 50 6.54 8.62 -21.81
N ILE D 51 7.46 8.33 -20.89
CA ILE D 51 8.59 7.46 -21.18
C ILE D 51 8.59 6.25 -20.27
N MET D 52 8.75 6.48 -18.97
CA MET D 52 8.77 5.39 -18.00
C MET D 52 8.44 5.89 -16.60
N LEU D 53 8.51 4.97 -15.63
CA LEU D 53 8.21 5.30 -14.24
C LEU D 53 9.46 5.35 -13.36
N PRO D 54 10.48 4.54 -13.67
CA PRO D 54 11.71 4.55 -12.87
C PRO D 54 12.49 5.86 -12.93
N THR D 55 11.95 6.86 -13.62
CA THR D 55 12.62 8.16 -13.74
C THR D 55 12.13 9.22 -12.76
N PRO D 56 10.80 9.40 -12.64
CA PRO D 56 10.29 10.42 -11.73
C PRO D 56 10.47 10.03 -10.26
N SER D 57 11.21 8.94 -10.03
CA SER D 57 11.46 8.46 -8.68
C SER D 57 12.38 9.40 -7.92
N GLU D 58 13.19 10.15 -8.66
CA GLU D 58 14.12 11.10 -8.05
C GLU D 58 13.42 12.37 -7.57
N ASP D 59 12.09 12.34 -7.61
CA ASP D 59 11.29 13.49 -7.18
C ASP D 59 11.01 13.41 -5.68
N GLN D 60 10.96 12.19 -5.16
CA GLN D 60 10.71 11.98 -3.74
C GLN D 60 11.96 12.20 -2.92
N LEU D 61 13.10 12.30 -3.61
CA LEU D 61 14.38 12.51 -2.95
C LEU D 61 14.45 13.92 -2.35
N LYS D 62 14.05 14.91 -3.12
CA LYS D 62 14.05 16.30 -2.67
C LYS D 62 13.01 16.50 -1.58
N ILE D 63 12.02 15.63 -1.55
CA ILE D 63 10.95 15.70 -0.56
C ILE D 63 11.43 15.19 0.79
N GLY D 64 12.39 14.27 0.76
CA GLY D 64 12.92 13.71 1.99
C GLY D 64 13.48 14.78 2.92
N GLU D 65 14.23 15.72 2.34
CA GLU D 65 14.81 16.80 3.12
C GLU D 65 13.73 17.66 3.75
N GLU D 66 14.05 18.29 4.87
CA GLU D 66 13.10 19.14 5.57
C GLU D 66 12.71 20.32 4.68
N LYS D 67 13.56 20.63 3.71
CA LYS D 67 13.32 21.72 2.78
C LYS D 67 12.80 21.18 1.45
N ILE D 68 12.81 22.03 0.42
CA ILE D 68 12.34 21.62 -0.90
C ILE D 68 13.30 22.06 -2.00
N ARG D 69 13.17 23.30 -2.44
CA ARG D 69 14.04 23.82 -3.50
C ARG D 69 14.47 25.26 -3.20
N ARG D 70 15.55 25.68 -3.85
CA ARG D 70 16.09 27.03 -3.68
C ARG D 70 15.35 28.03 -4.56
N TRP D 71 14.75 27.54 -5.63
CA TRP D 71 14.02 28.40 -6.56
C TRP D 71 12.82 29.06 -5.90
N LEU D 72 11.96 28.26 -5.28
CA LEU D 72 10.78 28.78 -4.60
C LEU D 72 11.13 29.70 -3.44
N ALA D 73 12.43 29.88 -3.20
CA ALA D 73 12.89 30.74 -2.11
C ALA D 73 12.98 32.19 -2.56
N ALA D 74 14.01 32.51 -3.34
CA ALA D 74 14.22 33.86 -3.83
C ALA D 74 13.16 34.27 -4.85
N LEU D 75 12.23 33.36 -5.14
CA LEU D 75 11.17 33.62 -6.09
C LEU D 75 10.17 34.61 -5.49
N ASN D 76 9.72 34.31 -4.28
CA ASN D 76 8.76 35.16 -3.59
C ASN D 76 9.46 36.32 -2.88
N SER D 77 10.78 36.35 -2.97
CA SER D 77 11.57 37.40 -2.33
C SER D 77 11.85 38.54 -3.32
N MET D 78 10.97 38.69 -4.30
CA MET D 78 11.13 39.75 -5.30
C MET D 78 9.81 40.47 -5.56
N THR D 79 9.91 41.72 -5.99
CA THR D 79 8.73 42.54 -6.27
C THR D 79 7.93 41.95 -7.42
N TYR D 80 6.63 42.23 -7.44
CA TYR D 80 5.75 41.73 -8.49
C TYR D 80 5.97 42.44 -9.82
N LYS D 81 7.15 43.05 -9.97
CA LYS D 81 7.49 43.76 -11.19
C LYS D 81 8.96 43.50 -11.55
N GLU D 82 9.73 43.03 -10.57
CA GLU D 82 11.13 42.73 -10.77
C GLU D 82 11.31 41.39 -11.46
N LEU D 83 10.24 40.59 -11.46
CA LEU D 83 10.27 39.27 -12.07
C LEU D 83 9.99 39.37 -13.58
N GLU D 84 9.35 40.45 -13.99
CA GLU D 84 9.02 40.68 -15.39
C GLU D 84 10.28 40.89 -16.22
N ASN D 85 11.11 41.85 -15.81
CA ASN D 85 12.34 42.15 -16.53
C ASN D 85 13.55 42.07 -15.61
N PRO D 86 13.95 40.84 -15.23
CA PRO D 86 15.10 40.61 -14.36
C PRO D 86 16.40 41.20 -14.89
N ASN D 87 16.35 41.74 -16.11
CA ASN D 87 17.53 42.33 -16.74
C ASN D 87 17.98 43.58 -15.99
N ILE D 88 17.03 44.30 -15.41
CA ILE D 88 17.35 45.52 -14.67
C ILE D 88 18.10 45.22 -13.38
N ILE D 89 18.18 43.94 -13.02
CA ILE D 89 18.88 43.53 -11.80
C ILE D 89 20.38 43.55 -12.01
N ASP D 90 21.09 44.18 -11.08
CA ASP D 90 22.55 44.28 -11.14
C ASP D 90 23.19 43.52 -9.99
N LYS D 91 24.48 43.76 -9.78
CA LYS D 91 25.22 43.09 -8.71
C LYS D 91 24.72 43.54 -7.33
N SER D 92 24.06 44.68 -7.30
CA SER D 92 23.54 45.23 -6.05
C SER D 92 22.12 44.73 -5.77
N ARG D 93 21.53 44.08 -6.77
CA ARG D 93 20.17 43.56 -6.64
C ARG D 93 20.18 42.05 -6.47
N MET D 94 21.22 41.39 -6.96
CA MET D 94 21.34 39.95 -6.84
C MET D 94 21.62 39.54 -5.40
N ARG D 95 22.57 40.24 -4.78
CA ARG D 95 22.93 39.96 -3.40
C ARG D 95 21.76 40.34 -2.49
N ARG D 96 20.89 41.20 -3.00
CA ARG D 96 19.72 41.66 -2.27
C ARG D 96 18.80 40.47 -1.93
N ILE D 97 18.27 39.84 -2.97
CA ILE D 97 17.38 38.70 -2.79
C ILE D 97 18.16 37.42 -2.49
N ALA D 98 19.45 37.58 -2.21
CA ALA D 98 20.31 36.44 -1.89
C ALA D 98 20.33 36.18 -0.40
N GLU D 99 20.69 37.21 0.37
CA GLU D 99 20.75 37.09 1.83
C GLU D 99 19.36 37.08 2.43
N GLY D 100 18.40 37.68 1.72
CA GLY D 100 17.03 37.71 2.21
C GLY D 100 16.34 36.37 2.10
N SER D 101 16.82 35.52 1.19
CA SER D 101 16.25 34.20 0.99
C SER D 101 17.14 33.12 1.60
N GLY D 102 18.38 33.48 1.88
CA GLY D 102 19.32 32.53 2.46
C GLY D 102 20.22 31.89 1.42
N LEU D 103 19.91 32.13 0.15
CA LEU D 103 20.70 31.56 -0.94
C LEU D 103 21.95 32.40 -1.21
N GLU D 104 22.79 31.92 -2.12
CA GLU D 104 24.02 32.62 -2.47
C GLU D 104 23.84 33.38 -3.79
N VAL D 105 24.78 34.28 -4.07
CA VAL D 105 24.73 35.08 -5.28
C VAL D 105 24.68 34.19 -6.52
N GLU D 106 25.34 33.04 -6.44
CA GLU D 106 25.37 32.09 -7.55
C GLU D 106 24.02 31.40 -7.73
N GLU D 107 23.37 31.08 -6.61
CA GLU D 107 22.07 30.41 -6.64
C GLU D 107 20.98 31.36 -7.13
N VAL D 108 21.27 32.65 -7.13
CA VAL D 108 20.32 33.66 -7.56
C VAL D 108 20.39 33.84 -9.08
N ARG D 109 21.61 33.77 -9.62
CA ARG D 109 21.81 33.94 -11.05
C ARG D 109 21.03 32.90 -11.84
N GLU D 110 21.15 31.65 -11.44
CA GLU D 110 20.45 30.55 -12.11
C GLU D 110 18.94 30.75 -12.08
N LEU D 111 18.47 31.53 -11.11
CA LEU D 111 17.06 31.81 -10.96
C LEU D 111 16.64 33.02 -11.78
N LEU D 112 17.50 34.04 -11.80
CA LEU D 112 17.22 35.26 -12.54
C LEU D 112 17.32 35.05 -14.04
N GLU D 113 18.30 34.25 -14.46
CA GLU D 113 18.52 33.97 -15.88
C GLU D 113 17.45 33.03 -16.44
N TRP D 114 16.47 32.67 -15.61
CA TRP D 114 15.40 31.77 -16.04
C TRP D 114 14.11 32.55 -16.28
N TYR D 115 13.85 33.54 -15.45
CA TYR D 115 12.65 34.35 -15.57
C TYR D 115 12.56 34.97 -16.96
N ASN D 116 13.73 35.19 -17.57
CA ASN D 116 13.79 35.78 -18.90
C ASN D 116 13.55 34.71 -19.97
N ASN D 117 13.89 33.46 -19.65
CA ASN D 117 13.72 32.35 -20.57
C ASN D 117 12.23 32.05 -20.77
N MET D 118 11.48 32.05 -19.67
CA MET D 118 10.05 31.77 -19.73
C MET D 118 9.33 32.82 -20.56
N ASN D 119 9.67 34.09 -20.34
CA ASN D 119 9.05 35.19 -21.07
C ASN D 119 9.57 35.25 -22.50
N ARG D 120 10.59 34.45 -22.80
CA ARG D 120 11.18 34.41 -24.13
C ARG D 120 10.60 33.27 -24.95
N LEU D 121 10.84 32.05 -24.52
CA LEU D 121 10.35 30.86 -25.22
C LEU D 121 8.83 30.90 -25.40
N LEU D 122 8.16 31.65 -24.54
CA LEU D 122 6.70 31.76 -24.61
C LEU D 122 6.31 32.55 -25.85
N LYS D 123 7.10 33.57 -26.18
CA LYS D 123 6.83 34.41 -27.33
C LYS D 123 6.76 33.58 -28.62
N MET D 124 7.60 32.55 -28.70
CA MET D 124 7.62 31.67 -29.87
C MET D 124 6.53 30.61 -29.78
N VAL D 125 5.52 30.86 -28.96
CA VAL D 125 4.43 29.92 -28.78
C VAL D 125 3.09 30.66 -28.91
N GLY E 1 -0.90 22.87 -25.45
CA GLY E 1 -0.40 21.47 -25.46
C GLY E 1 0.97 21.34 -24.82
N ILE E 2 2.02 21.34 -25.63
CA ILE E 2 3.38 21.23 -25.13
C ILE E 2 3.98 22.60 -24.85
N ILE E 3 3.91 23.03 -23.59
CA ILE E 3 4.44 24.31 -23.18
C ILE E 3 5.46 24.14 -22.06
N LEU E 4 4.97 23.92 -20.85
CA LEU E 4 5.84 23.73 -19.70
C LEU E 4 6.49 22.35 -19.70
N VAL E 5 6.05 21.50 -20.62
CA VAL E 5 6.59 20.14 -20.73
C VAL E 5 8.10 20.19 -20.93
N LEU E 6 8.58 21.25 -21.56
CA LEU E 6 10.01 21.41 -21.82
C LEU E 6 10.56 22.59 -21.02
N LEU E 7 9.78 23.09 -20.08
CA LEU E 7 10.19 24.21 -19.25
C LEU E 7 10.41 23.79 -17.80
N ILE E 8 9.32 23.50 -17.10
CA ILE E 8 9.39 23.07 -15.71
C ILE E 8 10.19 21.78 -15.58
N TRP E 9 10.29 21.04 -16.68
CA TRP E 9 11.03 19.78 -16.69
C TRP E 9 12.53 20.06 -16.68
N GLY E 10 12.88 21.33 -16.59
CA GLY E 10 14.29 21.71 -16.57
C GLY E 10 14.66 22.49 -15.32
N THR E 11 13.70 22.68 -14.43
CA THR E 11 13.94 23.42 -13.19
C THR E 11 14.63 22.54 -12.16
N VAL E 12 14.48 21.22 -12.31
CA VAL E 12 15.09 20.27 -11.38
C VAL E 12 16.58 20.10 -11.67
N LEU E 13 17.01 20.57 -12.83
CA LEU E 13 18.42 20.46 -13.21
C LEU E 13 19.30 21.31 -12.30
N LEU E 14 18.85 22.51 -11.99
CA LEU E 14 19.59 23.42 -11.13
C LEU E 14 19.09 23.33 -9.69
#